data_9QD0
#
_entry.id   9QD0
#
_cell.length_a   87.980
_cell.length_b   162.380
_cell.length_c   226.070
_cell.angle_alpha   90.00
_cell.angle_beta   90.00
_cell.angle_gamma   90.00
#
_symmetry.space_group_name_H-M   'C 2 2 21'
#
loop_
_entity.id
_entity.type
_entity.pdbx_description
1 polymer 'Attachment glycoprotein'
2 branched alpha-D-mannopyranose-(1-3)-[alpha-D-mannopyranose-(1-6)]beta-D-mannopyranose-(1-4)-2-acetamido-2-deoxy-beta-D-glucopyranose-(1-4)-2-acetamido-2-deoxy-beta-D-glucopyranose
3 non-polymer 2-acetamido-2-deoxy-beta-D-glucopyranose
4 non-polymer beta-D-mannopyranose
5 non-polymer alpha-D-mannopyranose
#
_entity_poly.entity_id   1
_entity_poly.type   'polypeptide(L)'
_entity_poly.pdbx_seq_one_letter_code
;THSRYFEEVNLDSISECSGPDMHLGLGVNPEFIEFPSFAPGSTKPGSCVRLPSFSLSTTVFAYTHTIMGHGCSELDVGDH
YFSVGRIADAGHEIPQFETISSWFINDKINRRSCTVAAGAMEAWMGCVIMTETFYDDRNSLDTGKLTISYLDVFGRKKEW
IYTRSEILYDYTYTSVYFSVGSGVVVGDTVYFLIWGSLSSPIEETAYCFAPDCSNYNQRMCNEAQRPSKFGHRQMVNGIL
KFKTTSTGKPLLSVGTLSPSVVPFGSEGRLMYSEITKIIYLYLRSTSWHALPLTGLFVLGPPTSISWIVQRAVSRPGEFP
CGASNRCPKDCVTGVYTDLFPLGSRYEYAATVYLNSETYRVNPTLALINQTNIIASKKVTTESQRAGYTTTTCFVFKLRV
WCISVVELAPSTMTAYEPIPFLYQLDLTCKGKNGSLAMRFAGKEGTYKSGRYKSPRNECFFEKVSNKYYFIVSTPEGIQP
YEIRDLTPDRMPHIIMYISDVCAPALSAFKKLLPAMRPITTLTIGNWQFRPVEVSGGLRVN
;
_entity_poly.pdbx_strand_id   B,A
#
loop_
_chem_comp.id
_chem_comp.type
_chem_comp.name
_chem_comp.formula
BMA D-saccharide, beta linking beta-D-mannopyranose 'C6 H12 O6'
MAN D-saccharide, alpha linking alpha-D-mannopyranose 'C6 H12 O6'
NAG D-saccharide, beta linking 2-acetamido-2-deoxy-beta-D-glucopyranose 'C8 H15 N O6'
#
# COMPACT_ATOMS: atom_id res chain seq x y z
N THR A 1 -1.39 19.25 -21.63
CA THR A 1 -0.05 19.41 -21.08
C THR A 1 0.86 18.26 -21.52
N HIS A 2 2.02 18.15 -20.88
CA HIS A 2 3.02 17.15 -21.22
C HIS A 2 3.04 16.05 -20.15
N SER A 3 3.82 15.02 -20.41
CA SER A 3 3.93 13.85 -19.54
C SER A 3 5.30 13.78 -18.85
N ARG A 4 5.79 14.93 -18.39
CA ARG A 4 7.04 15.00 -17.64
C ARG A 4 6.89 16.03 -16.54
N TYR A 5 7.77 15.93 -15.55
CA TYR A 5 7.74 16.91 -14.46
C TYR A 5 8.42 18.20 -14.89
N PHE A 6 8.07 19.28 -14.18
CA PHE A 6 8.65 20.59 -14.41
C PHE A 6 9.20 21.12 -13.09
N GLU A 7 10.15 22.05 -13.20
CA GLU A 7 10.86 22.66 -12.08
C GLU A 7 11.70 21.67 -11.30
N GLU A 8 11.98 20.50 -11.86
CA GLU A 8 12.82 19.49 -11.22
C GLU A 8 14.20 19.54 -11.86
N VAL A 9 15.23 19.63 -11.01
CA VAL A 9 16.62 19.68 -11.47
C VAL A 9 17.47 18.81 -10.55
N ASN A 10 18.60 18.37 -11.08
CA ASN A 10 19.54 17.58 -10.31
C ASN A 10 20.37 18.49 -9.39
N LEU A 11 21.01 17.86 -8.41
CA LEU A 11 21.80 18.60 -7.43
C LEU A 11 23.30 18.54 -7.78
N ASP A 12 24.14 18.39 -6.75
CA ASP A 12 25.59 18.32 -6.90
C ASP A 12 26.16 19.61 -7.48
N SER A 13 27.40 19.55 -7.96
CA SER A 13 28.10 20.69 -8.54
C SER A 13 28.34 21.79 -7.53
N ILE A 14 27.28 22.49 -7.12
CA ILE A 14 27.44 23.63 -6.22
C ILE A 14 27.86 23.17 -4.83
N SER A 15 27.47 21.97 -4.44
CA SER A 15 27.84 21.45 -3.12
C SER A 15 29.32 21.10 -3.07
N GLU A 16 30.19 22.12 -3.04
CA GLU A 16 31.64 21.93 -3.03
C GLU A 16 32.29 22.76 -1.92
N CYS A 17 31.50 23.22 -0.95
CA CYS A 17 32.01 24.00 0.17
C CYS A 17 32.79 23.11 1.14
N SER A 18 33.84 22.47 0.64
CA SER A 18 34.64 21.54 1.43
C SER A 18 35.77 22.22 2.19
N GLY A 19 35.89 23.54 2.10
CA GLY A 19 36.92 24.25 2.84
C GLY A 19 36.74 24.06 4.33
N PRO A 20 37.86 23.82 5.03
CA PRO A 20 37.77 23.53 6.48
C PRO A 20 37.14 24.65 7.29
N ASP A 21 37.12 25.88 6.77
CA ASP A 21 36.44 26.96 7.47
C ASP A 21 34.93 26.81 7.41
N MET A 22 34.41 26.18 6.36
CA MET A 22 32.97 26.01 6.16
C MET A 22 32.60 24.57 6.46
N HIS A 23 31.67 24.37 7.38
CA HIS A 23 31.09 23.07 7.65
C HIS A 23 29.67 23.03 7.10
N LEU A 24 29.30 21.87 6.56
CA LEU A 24 28.00 21.64 5.94
C LEU A 24 27.13 20.80 6.86
N GLY A 25 25.86 21.18 6.98
CA GLY A 25 24.93 20.44 7.81
C GLY A 25 23.51 20.63 7.33
N LEU A 26 22.56 20.25 8.20
CA LEU A 26 21.14 20.42 7.93
C LEU A 26 20.59 21.52 8.80
N GLY A 27 19.68 22.32 8.24
CA GLY A 27 19.08 23.41 8.97
C GLY A 27 17.80 23.01 9.69
N VAL A 28 16.87 22.41 8.96
CA VAL A 28 15.60 21.95 9.51
C VAL A 28 15.61 20.42 9.53
N ASN A 29 15.13 19.85 10.63
CA ASN A 29 15.09 18.41 10.76
C ASN A 29 14.17 17.81 9.69
N PRO A 30 14.58 16.75 9.00
CA PRO A 30 13.74 16.18 7.94
C PRO A 30 12.49 15.54 8.53
N GLU A 31 11.36 15.75 7.85
CA GLU A 31 10.08 15.21 8.26
C GLU A 31 9.50 14.39 7.13
N PHE A 32 8.98 13.21 7.46
CA PHE A 32 8.36 12.35 6.46
C PHE A 32 7.00 12.90 6.08
N ILE A 33 6.79 13.10 4.78
CA ILE A 33 5.56 13.70 4.25
C ILE A 33 4.64 12.58 3.81
N GLU A 34 3.33 12.77 4.01
CA GLU A 34 2.33 11.79 3.64
C GLU A 34 1.91 11.99 2.20
N PHE A 35 1.90 10.90 1.42
CA PHE A 35 1.50 10.93 0.03
C PHE A 35 1.09 9.53 -0.38
N PRO A 36 0.24 9.39 -1.40
CA PRO A 36 -0.17 8.05 -1.85
C PRO A 36 1.03 7.28 -2.39
N SER A 37 1.32 6.15 -1.73
CA SER A 37 2.51 5.37 -2.07
C SER A 37 2.41 4.83 -3.49
N PHE A 38 3.44 5.11 -4.29
CA PHE A 38 3.53 4.57 -5.64
C PHE A 38 4.00 3.11 -5.65
N ALA A 39 4.12 2.49 -4.48
CA ALA A 39 4.40 1.06 -4.35
C ALA A 39 3.13 0.37 -3.87
N PRO A 40 2.31 -0.17 -4.78
CA PRO A 40 1.03 -0.75 -4.36
C PRO A 40 1.25 -2.01 -3.53
N GLY A 41 0.49 -2.10 -2.43
CA GLY A 41 0.62 -3.25 -1.55
C GLY A 41 0.09 -4.53 -2.16
N SER A 42 0.29 -5.61 -1.42
CA SER A 42 -0.14 -6.94 -1.87
C SER A 42 -1.56 -7.21 -1.39
N THR A 43 -2.26 -8.06 -2.13
CA THR A 43 -3.62 -8.45 -1.82
C THR A 43 -3.77 -9.92 -1.46
N LYS A 44 -2.73 -10.73 -1.65
CA LYS A 44 -2.74 -12.13 -1.28
C LYS A 44 -1.96 -12.34 -0.01
N PRO A 45 -2.54 -13.01 1.00
CA PRO A 45 -1.83 -13.14 2.29
C PRO A 45 -0.50 -13.88 2.18
N GLY A 46 -0.35 -14.76 1.20
CA GLY A 46 0.89 -15.51 1.07
C GLY A 46 1.99 -14.76 0.34
N SER A 47 1.61 -13.96 -0.65
CA SER A 47 2.59 -13.27 -1.47
C SER A 47 3.09 -12.00 -0.77
N CYS A 48 4.40 -11.80 -0.77
CA CYS A 48 5.03 -10.64 -0.15
C CYS A 48 5.70 -9.77 -1.19
N VAL A 49 5.57 -8.47 -1.04
CA VAL A 49 6.24 -7.51 -1.92
C VAL A 49 7.65 -7.27 -1.40
N ARG A 50 8.64 -7.33 -2.29
CA ARG A 50 10.03 -7.24 -1.88
C ARG A 50 10.84 -6.72 -3.07
N LEU A 51 12.15 -6.56 -2.84
CA LEU A 51 13.14 -6.12 -3.83
C LEU A 51 12.67 -4.90 -4.60
N PRO A 52 12.64 -3.72 -3.97
CA PRO A 52 12.26 -2.51 -4.70
C PRO A 52 13.42 -1.96 -5.52
N SER A 53 13.09 -1.41 -6.68
CA SER A 53 14.07 -0.78 -7.55
C SER A 53 13.50 0.52 -8.08
N PHE A 54 14.18 1.63 -7.79
CA PHE A 54 13.70 2.95 -8.16
C PHE A 54 14.78 3.66 -8.95
N SER A 55 14.39 4.23 -10.09
CA SER A 55 15.28 5.00 -10.95
C SER A 55 14.61 6.30 -11.35
N LEU A 56 15.38 7.38 -11.36
CA LEU A 56 14.87 8.71 -11.69
C LEU A 56 15.76 9.34 -12.75
N SER A 57 15.16 9.62 -13.91
CA SER A 57 15.87 10.27 -15.01
C SER A 57 15.56 11.76 -15.00
N THR A 58 15.93 12.45 -16.08
CA THR A 58 15.67 13.88 -16.22
C THR A 58 14.29 14.18 -16.80
N THR A 59 13.44 13.17 -16.96
CA THR A 59 12.13 13.36 -17.54
C THR A 59 11.05 12.65 -16.72
N VAL A 60 11.26 11.35 -16.46
CA VAL A 60 10.32 10.54 -15.70
C VAL A 60 11.11 9.66 -14.74
N PHE A 61 10.39 9.02 -13.81
CA PHE A 61 10.98 8.04 -12.91
C PHE A 61 10.36 6.67 -13.16
N ALA A 62 11.06 5.64 -12.72
CA ALA A 62 10.65 4.26 -12.91
C ALA A 62 10.77 3.50 -11.59
N TYR A 63 9.83 2.60 -11.35
CA TYR A 63 9.81 1.80 -10.13
C TYR A 63 9.43 0.37 -10.46
N THR A 64 9.93 -0.56 -9.65
CA THR A 64 9.68 -1.98 -9.85
C THR A 64 9.80 -2.70 -8.52
N HIS A 65 8.84 -3.59 -8.25
CA HIS A 65 8.96 -4.45 -7.08
C HIS A 65 8.47 -5.86 -7.40
N THR A 66 9.13 -6.85 -6.80
CA THR A 66 8.88 -8.26 -7.08
C THR A 66 7.96 -8.84 -6.02
N ILE A 67 6.93 -9.56 -6.44
CA ILE A 67 5.96 -10.16 -5.53
C ILE A 67 6.30 -11.64 -5.43
N MET A 68 6.96 -12.03 -4.35
CA MET A 68 7.34 -13.41 -4.11
C MET A 68 6.18 -14.13 -3.41
N GLY A 69 5.60 -15.11 -4.10
CA GLY A 69 4.43 -15.81 -3.62
C GLY A 69 4.75 -17.07 -2.86
N HIS A 70 3.70 -17.80 -2.51
CA HIS A 70 3.78 -19.08 -1.79
C HIS A 70 4.53 -18.92 -0.46
N GLY A 71 3.97 -18.08 0.40
CA GLY A 71 4.55 -17.85 1.71
C GLY A 71 5.86 -17.08 1.67
N CYS A 72 5.94 -16.05 0.83
CA CYS A 72 7.14 -15.22 0.72
C CYS A 72 8.36 -16.06 0.33
N SER A 73 8.18 -16.91 -0.66
CA SER A 73 9.22 -17.83 -1.12
C SER A 73 9.88 -17.28 -2.39
N GLU A 74 11.20 -17.44 -2.47
CA GLU A 74 11.96 -17.01 -3.63
C GLU A 74 11.91 -18.02 -4.77
N LEU A 75 10.96 -18.97 -4.73
CA LEU A 75 10.76 -19.91 -5.81
C LEU A 75 9.52 -19.62 -6.65
N ASP A 76 8.57 -18.86 -6.12
CA ASP A 76 7.38 -18.44 -6.86
C ASP A 76 7.55 -16.96 -7.17
N VAL A 77 8.40 -16.67 -8.15
CA VAL A 77 8.77 -15.29 -8.47
C VAL A 77 8.39 -14.98 -9.91
N GLY A 78 7.09 -14.90 -10.17
CA GLY A 78 6.62 -14.61 -11.52
C GLY A 78 5.85 -13.31 -11.61
N ASP A 79 5.44 -12.77 -10.47
CA ASP A 79 4.68 -11.53 -10.41
C ASP A 79 5.62 -10.36 -10.13
N HIS A 80 5.53 -9.33 -10.97
CA HIS A 80 6.34 -8.13 -10.82
C HIS A 80 5.49 -6.91 -11.12
N TYR A 81 5.83 -5.80 -10.49
CA TYR A 81 5.16 -4.53 -10.70
C TYR A 81 6.16 -3.56 -11.32
N PHE A 82 5.82 -3.08 -12.52
CA PHE A 82 6.62 -2.16 -13.31
C PHE A 82 5.80 -0.89 -13.51
N SER A 83 6.36 0.26 -13.12
CA SER A 83 5.63 1.52 -13.22
C SER A 83 6.56 2.62 -13.70
N VAL A 84 6.00 3.52 -14.51
CA VAL A 84 6.68 4.73 -14.96
C VAL A 84 5.80 5.92 -14.63
N GLY A 85 6.39 6.93 -14.00
CA GLY A 85 5.63 8.11 -13.60
C GLY A 85 6.43 9.39 -13.61
N ARG A 86 5.89 10.44 -13.03
CA ARG A 86 6.57 11.72 -13.01
C ARG A 86 6.21 12.47 -11.73
N ILE A 87 7.09 13.40 -11.35
CA ILE A 87 6.75 14.35 -10.30
C ILE A 87 5.81 15.41 -10.88
N ALA A 88 5.15 16.14 -9.99
CA ALA A 88 4.17 17.12 -10.46
C ALA A 88 4.00 18.21 -9.42
N ASP A 89 3.49 19.34 -9.88
CA ASP A 89 3.18 20.49 -9.02
C ASP A 89 1.68 20.52 -8.76
N ALA A 90 1.30 20.63 -7.48
CA ALA A 90 -0.10 20.70 -7.08
C ALA A 90 -0.44 22.03 -6.42
N GLY A 91 0.33 23.08 -6.72
CA GLY A 91 0.15 24.36 -6.05
C GLY A 91 0.83 24.48 -4.71
N HIS A 92 1.74 23.58 -4.38
CA HIS A 92 2.45 23.59 -3.11
C HIS A 92 3.94 23.39 -3.36
N GLU A 93 4.73 23.54 -2.30
CA GLU A 93 6.16 23.28 -2.35
C GLU A 93 6.49 21.80 -2.26
N ILE A 94 5.49 20.94 -2.13
CA ILE A 94 5.70 19.51 -1.92
C ILE A 94 5.75 18.80 -3.28
N PRO A 95 6.80 18.01 -3.55
CA PRO A 95 6.84 17.24 -4.79
C PRO A 95 5.86 16.08 -4.76
N GLN A 96 4.82 16.15 -5.59
CA GLN A 96 3.80 15.11 -5.61
C GLN A 96 4.17 14.07 -6.67
N PHE A 97 4.37 12.83 -6.23
CA PHE A 97 4.70 11.74 -7.14
C PHE A 97 3.44 11.26 -7.84
N GLU A 98 3.53 11.08 -9.15
CA GLU A 98 2.39 10.67 -9.98
C GLU A 98 2.80 9.48 -10.82
N THR A 99 1.98 8.43 -10.79
CA THR A 99 2.22 7.22 -11.57
C THR A 99 1.38 7.29 -12.84
N ILE A 100 2.04 7.23 -14.00
CA ILE A 100 1.37 7.43 -15.28
C ILE A 100 1.00 6.08 -15.89
N SER A 101 2.00 5.21 -16.09
CA SER A 101 1.78 3.91 -16.68
C SER A 101 2.23 2.82 -15.73
N SER A 102 1.49 1.71 -15.70
CA SER A 102 1.83 0.59 -14.83
C SER A 102 1.61 -0.71 -15.58
N TRP A 103 2.61 -1.58 -15.55
CA TRP A 103 2.56 -2.89 -16.20
C TRP A 103 2.75 -3.96 -15.13
N PHE A 104 1.69 -4.68 -14.82
CA PHE A 104 1.73 -5.75 -13.82
C PHE A 104 2.03 -7.07 -14.51
N ILE A 105 3.30 -7.48 -14.46
CA ILE A 105 3.68 -8.77 -15.03
C ILE A 105 3.16 -9.89 -14.15
N ASN A 106 2.49 -10.87 -14.76
CA ASN A 106 1.92 -11.98 -14.02
C ASN A 106 2.13 -13.31 -14.73
N ASP A 107 3.22 -13.44 -15.49
CA ASP A 107 3.51 -14.70 -16.16
C ASP A 107 3.95 -15.74 -15.14
N LYS A 108 4.12 -16.97 -15.63
CA LYS A 108 4.46 -18.09 -14.76
C LYS A 108 5.96 -18.33 -14.63
N ILE A 109 6.76 -17.80 -15.57
CA ILE A 109 8.20 -18.02 -15.52
C ILE A 109 8.80 -17.20 -14.37
N ASN A 110 9.81 -17.76 -13.71
CA ASN A 110 10.43 -17.15 -12.54
C ASN A 110 11.51 -16.18 -12.99
N ARG A 111 11.30 -14.89 -12.72
CA ARG A 111 12.26 -13.83 -13.03
C ARG A 111 12.82 -13.30 -11.73
N ARG A 112 14.13 -13.44 -11.55
CA ARG A 112 14.79 -12.96 -10.34
C ARG A 112 15.72 -11.79 -10.66
N SER A 113 15.92 -10.94 -9.66
CA SER A 113 16.80 -9.77 -9.75
C SER A 113 16.37 -8.85 -10.89
N CYS A 114 15.16 -8.30 -10.74
CA CYS A 114 14.59 -7.41 -11.76
C CYS A 114 15.06 -5.99 -11.47
N THR A 115 15.86 -5.45 -12.39
CA THR A 115 16.39 -4.10 -12.29
C THR A 115 15.64 -3.18 -13.25
N VAL A 116 15.59 -1.90 -12.91
CA VAL A 116 14.93 -0.91 -13.77
C VAL A 116 15.89 0.25 -14.04
N ALA A 117 15.77 0.85 -15.22
CA ALA A 117 16.53 2.02 -15.61
C ALA A 117 15.58 2.98 -16.33
N ALA A 118 15.45 4.19 -15.80
CA ALA A 118 14.60 5.20 -16.41
C ALA A 118 15.37 5.97 -17.48
N GLY A 119 14.63 6.58 -18.40
CA GLY A 119 15.27 7.39 -19.42
C GLY A 119 14.28 7.98 -20.40
N ALA A 120 14.44 9.27 -20.69
CA ALA A 120 13.55 10.01 -21.58
C ALA A 120 12.12 9.80 -21.08
N MET A 121 11.16 9.53 -21.97
CA MET A 121 9.79 9.22 -21.58
C MET A 121 9.54 7.72 -21.55
N GLU A 122 10.50 6.94 -21.06
CA GLU A 122 10.34 5.49 -21.02
C GLU A 122 11.22 4.88 -19.94
N ALA A 123 11.06 3.56 -19.77
CA ALA A 123 11.84 2.83 -18.79
C ALA A 123 12.10 1.42 -19.31
N TRP A 124 13.29 0.92 -19.00
CA TRP A 124 13.70 -0.43 -19.35
C TRP A 124 13.83 -1.27 -18.09
N MET A 125 13.53 -2.55 -18.20
CA MET A 125 13.65 -3.49 -17.09
C MET A 125 14.48 -4.68 -17.54
N GLY A 126 15.52 -4.99 -16.75
CA GLY A 126 16.33 -6.16 -17.00
C GLY A 126 16.17 -7.21 -15.92
N CYS A 127 15.60 -8.35 -16.28
CA CYS A 127 15.53 -9.50 -15.37
C CYS A 127 16.25 -10.67 -16.00
N VAL A 128 16.56 -11.68 -15.18
CA VAL A 128 17.16 -12.91 -15.66
C VAL A 128 16.25 -14.07 -15.29
N ILE A 129 16.42 -15.18 -15.99
CA ILE A 129 15.65 -16.40 -15.77
C ILE A 129 16.63 -17.56 -15.71
N MET A 130 16.75 -18.17 -14.53
CA MET A 130 17.59 -19.35 -14.36
C MET A 130 16.80 -20.65 -14.50
N THR A 131 15.49 -20.57 -14.62
CA THR A 131 14.68 -21.77 -14.82
C THR A 131 14.94 -22.36 -16.19
N GLU A 132 15.05 -23.68 -16.25
CA GLU A 132 15.29 -24.38 -17.51
C GLU A 132 14.52 -25.69 -17.52
N THR A 133 13.73 -25.90 -18.58
CA THR A 133 13.07 -27.19 -18.76
C THR A 133 14.09 -28.30 -18.98
N PHE A 134 15.22 -27.97 -19.60
CA PHE A 134 16.29 -28.93 -19.83
C PHE A 134 17.25 -28.94 -18.64
N TYR A 135 18.08 -29.98 -18.59
CA TYR A 135 19.00 -30.14 -17.48
C TYR A 135 20.12 -31.10 -17.89
N ASP A 136 21.31 -30.84 -17.37
CA ASP A 136 22.48 -31.68 -17.63
C ASP A 136 23.31 -31.76 -16.36
N ASP A 137 23.61 -32.99 -15.93
CA ASP A 137 24.47 -33.16 -14.77
C ASP A 137 25.87 -32.65 -15.04
N ARG A 138 26.35 -32.77 -16.27
CA ARG A 138 27.64 -32.20 -16.64
C ARG A 138 27.54 -30.67 -16.71
N ASN A 139 28.67 -30.01 -16.49
CA ASN A 139 28.72 -28.55 -16.50
C ASN A 139 28.31 -28.01 -17.87
N SER A 140 27.16 -27.33 -17.91
CA SER A 140 26.65 -26.75 -19.14
C SER A 140 26.15 -25.34 -18.86
N LEU A 141 26.46 -24.42 -19.78
CA LEU A 141 26.02 -23.04 -19.65
C LEU A 141 24.53 -22.95 -19.92
N ASP A 142 23.75 -22.66 -18.88
CA ASP A 142 22.31 -22.46 -19.05
C ASP A 142 22.05 -21.22 -19.89
N THR A 143 20.92 -21.22 -20.59
CA THR A 143 20.49 -20.05 -21.34
C THR A 143 20.32 -18.88 -20.37
N GLY A 144 20.96 -17.75 -20.71
CA GLY A 144 20.83 -16.57 -19.87
C GLY A 144 19.38 -16.15 -19.67
N LYS A 145 18.58 -16.25 -20.74
CA LYS A 145 17.14 -15.95 -20.68
C LYS A 145 16.89 -14.55 -20.12
N LEU A 146 17.77 -13.62 -20.45
CA LEU A 146 17.59 -12.24 -20.02
C LEU A 146 16.35 -11.64 -20.66
N THR A 147 15.46 -11.11 -19.83
CA THR A 147 14.23 -10.47 -20.31
C THR A 147 14.38 -8.97 -20.16
N ILE A 148 14.23 -8.26 -21.27
CA ILE A 148 14.27 -6.80 -21.29
C ILE A 148 12.86 -6.32 -21.59
N SER A 149 12.23 -5.69 -20.60
CA SER A 149 10.92 -5.08 -20.73
C SER A 149 11.06 -3.60 -21.02
N TYR A 150 10.03 -3.03 -21.64
CA TYR A 150 10.07 -1.66 -22.13
C TYR A 150 8.70 -1.04 -21.93
N LEU A 151 8.63 0.01 -21.11
CA LEU A 151 7.36 0.65 -20.77
C LEU A 151 7.44 2.14 -21.02
N ASP A 152 6.49 2.67 -21.77
CA ASP A 152 6.44 4.09 -22.11
C ASP A 152 5.39 4.80 -21.25
N VAL A 153 5.44 6.13 -21.29
CA VAL A 153 4.47 6.95 -20.57
C VAL A 153 3.10 6.94 -21.22
N PHE A 154 2.96 6.34 -22.40
CA PHE A 154 1.70 6.27 -23.12
C PHE A 154 1.01 4.93 -22.96
N GLY A 155 1.52 4.06 -22.08
CA GLY A 155 0.98 2.73 -21.92
C GLY A 155 1.56 1.70 -22.85
N ARG A 156 2.43 2.09 -23.77
CA ARG A 156 3.05 1.13 -24.69
C ARG A 156 3.95 0.17 -23.93
N LYS A 157 3.86 -1.12 -24.29
CA LYS A 157 4.61 -2.16 -23.61
C LYS A 157 5.25 -3.07 -24.64
N LYS A 158 6.51 -3.44 -24.39
CA LYS A 158 7.22 -4.37 -25.26
C LYS A 158 8.18 -5.18 -24.41
N GLU A 159 8.63 -6.31 -24.95
CA GLU A 159 9.53 -7.17 -24.18
C GLU A 159 10.28 -8.09 -25.13
N TRP A 160 11.52 -8.42 -24.74
CA TRP A 160 12.37 -9.34 -25.48
C TRP A 160 12.96 -10.37 -24.53
N ILE A 161 13.04 -11.61 -25.00
CA ILE A 161 13.68 -12.70 -24.28
C ILE A 161 14.92 -13.10 -25.05
N TYR A 162 16.06 -13.09 -24.39
CA TYR A 162 17.35 -13.32 -25.04
C TYR A 162 17.88 -14.71 -24.70
N THR A 163 18.97 -15.07 -25.40
CA THR A 163 19.62 -16.36 -25.24
C THR A 163 21.07 -16.13 -24.83
N ARG A 164 21.71 -17.20 -24.36
CA ARG A 164 23.13 -17.11 -24.00
C ARG A 164 23.99 -16.78 -25.21
N SER A 165 23.54 -17.16 -26.42
CA SER A 165 24.29 -16.92 -27.65
C SER A 165 24.05 -15.52 -28.22
N GLU A 166 22.85 -14.97 -28.03
CA GLU A 166 22.55 -13.66 -28.61
C GLU A 166 23.34 -12.55 -27.93
N ILE A 167 23.67 -12.71 -26.65
CA ILE A 167 24.34 -11.67 -25.88
C ILE A 167 25.84 -11.80 -26.05
N LEU A 168 26.52 -10.67 -26.13
CA LEU A 168 27.98 -10.63 -26.32
C LEU A 168 28.65 -10.58 -24.95
N TYR A 169 29.22 -11.70 -24.54
CA TYR A 169 29.97 -11.78 -23.29
C TYR A 169 31.46 -11.75 -23.60
N ASP A 170 32.18 -10.83 -22.96
CA ASP A 170 33.63 -10.80 -23.12
C ASP A 170 34.30 -11.96 -22.42
N TYR A 171 33.68 -12.49 -21.37
CA TYR A 171 34.17 -13.68 -20.68
C TYR A 171 32.99 -14.60 -20.41
N THR A 172 33.28 -15.90 -20.33
CA THR A 172 32.24 -16.90 -20.13
C THR A 172 31.78 -16.90 -18.68
N TYR A 173 30.50 -16.63 -18.47
CA TYR A 173 29.91 -16.62 -17.12
C TYR A 173 29.28 -17.96 -16.80
N THR A 174 29.25 -18.29 -15.52
CA THR A 174 28.49 -19.43 -15.03
C THR A 174 27.07 -19.05 -14.66
N SER A 175 26.88 -17.89 -14.02
CA SER A 175 25.57 -17.37 -13.70
C SER A 175 25.61 -15.85 -13.76
N VAL A 176 24.55 -15.25 -14.28
CA VAL A 176 24.45 -13.81 -14.43
C VAL A 176 23.18 -13.34 -13.74
N TYR A 177 23.32 -12.32 -12.88
CA TYR A 177 22.19 -11.72 -12.19
C TYR A 177 22.28 -10.21 -12.32
N PHE A 178 21.13 -9.56 -12.51
CA PHE A 178 21.08 -8.11 -12.54
C PHE A 178 21.19 -7.55 -11.14
N SER A 179 21.93 -6.46 -11.00
CA SER A 179 22.01 -5.77 -9.72
C SER A 179 20.68 -5.07 -9.44
N VAL A 180 20.14 -5.28 -8.24
CA VAL A 180 18.84 -4.72 -7.90
C VAL A 180 18.88 -3.19 -7.92
N GLY A 181 20.05 -2.60 -7.71
CA GLY A 181 20.18 -1.16 -7.84
C GLY A 181 19.92 -0.70 -9.26
N SER A 182 19.34 0.49 -9.37
CA SER A 182 18.83 0.98 -10.65
C SER A 182 19.93 1.13 -11.68
N GLY A 183 19.60 0.84 -12.94
CA GLY A 183 20.46 1.15 -14.06
C GLY A 183 20.35 2.61 -14.44
N VAL A 184 20.87 2.94 -15.62
CA VAL A 184 20.86 4.31 -16.08
C VAL A 184 20.97 4.33 -17.60
N VAL A 185 20.38 5.35 -18.22
CA VAL A 185 20.40 5.52 -19.67
C VAL A 185 21.11 6.83 -19.97
N VAL A 186 22.17 6.76 -20.78
CA VAL A 186 22.94 7.92 -21.18
C VAL A 186 22.93 8.00 -22.69
N GLY A 187 22.52 9.15 -23.22
CA GLY A 187 22.44 9.33 -24.66
C GLY A 187 21.45 8.35 -25.26
N ASP A 188 21.96 7.45 -26.12
CA ASP A 188 21.15 6.41 -26.74
C ASP A 188 21.50 5.03 -26.21
N THR A 189 22.28 4.94 -25.13
CA THR A 189 22.76 3.67 -24.61
C THR A 189 22.21 3.44 -23.21
N VAL A 190 21.56 2.31 -23.01
CA VAL A 190 21.10 1.89 -21.69
C VAL A 190 22.18 1.00 -21.07
N TYR A 191 22.67 1.40 -19.90
CA TYR A 191 23.66 0.67 -19.13
C TYR A 191 22.99 0.13 -17.87
N PHE A 192 23.07 -1.19 -17.70
CA PHE A 192 22.70 -1.88 -16.47
C PHE A 192 23.96 -2.43 -15.81
N LEU A 193 23.89 -2.63 -14.51
CA LEU A 193 24.97 -3.22 -13.75
C LEU A 193 24.62 -4.67 -13.44
N ILE A 194 25.46 -5.60 -13.87
CA ILE A 194 25.26 -7.01 -13.62
C ILE A 194 26.43 -7.54 -12.80
N TRP A 195 26.22 -8.70 -12.18
CA TRP A 195 27.25 -9.33 -11.38
C TRP A 195 27.08 -10.83 -11.48
N GLY A 196 28.20 -11.56 -11.42
CA GLY A 196 28.09 -13.00 -11.50
C GLY A 196 29.44 -13.67 -11.39
N SER A 197 29.39 -14.99 -11.34
CA SER A 197 30.59 -15.82 -11.28
C SER A 197 31.08 -16.14 -12.68
N LEU A 198 32.39 -16.14 -12.85
CA LEU A 198 32.99 -16.51 -14.12
C LEU A 198 33.35 -17.99 -14.12
N SER A 199 33.16 -18.63 -15.28
CA SER A 199 33.52 -20.04 -15.41
C SER A 199 35.01 -20.25 -15.18
N SER A 200 35.84 -19.40 -15.77
CA SER A 200 37.28 -19.44 -15.59
C SER A 200 37.76 -18.17 -14.89
N PRO A 201 38.79 -18.27 -14.05
CA PRO A 201 39.27 -17.08 -13.34
C PRO A 201 40.19 -16.24 -14.23
N ILE A 202 39.99 -14.93 -14.18
CA ILE A 202 40.89 -14.01 -14.85
C ILE A 202 42.25 -13.96 -14.15
N GLU A 203 42.29 -14.40 -12.88
CA GLU A 203 43.52 -14.42 -12.09
C GLU A 203 44.08 -13.00 -11.92
N GLU A 204 43.28 -12.17 -11.25
CA GLU A 204 43.64 -10.79 -10.95
C GLU A 204 43.44 -10.52 -9.48
N THR A 205 44.42 -9.86 -8.86
CA THR A 205 44.35 -9.57 -7.43
C THR A 205 43.13 -8.69 -7.13
N ALA A 206 42.48 -9.00 -6.02
CA ALA A 206 41.26 -8.29 -5.63
C ALA A 206 41.58 -6.83 -5.31
N TYR A 207 40.53 -6.08 -4.98
CA TYR A 207 40.68 -4.70 -4.53
C TYR A 207 41.72 -4.60 -3.44
N CYS A 208 41.68 -5.51 -2.46
CA CYS A 208 42.76 -5.75 -1.50
C CYS A 208 43.19 -4.47 -0.79
N PHE A 209 42.26 -3.51 -0.64
CA PHE A 209 42.49 -2.34 0.18
C PHE A 209 42.14 -2.68 1.63
N ALA A 210 42.93 -2.14 2.56
CA ALA A 210 42.76 -2.46 3.97
C ALA A 210 42.02 -1.33 4.68
N PRO A 211 40.73 -1.47 4.98
CA PRO A 211 40.06 -0.47 5.82
C PRO A 211 40.55 -0.52 7.26
N ASP A 212 41.73 0.03 7.51
CA ASP A 212 42.33 0.07 8.85
C ASP A 212 42.54 -1.35 9.41
N CYS A 213 43.17 -2.20 8.61
CA CYS A 213 43.48 -3.57 9.01
C CYS A 213 44.96 -3.69 9.36
N SER A 214 45.23 -4.18 10.56
CA SER A 214 46.62 -4.34 10.98
C SER A 214 47.30 -5.48 10.23
N ASN A 215 46.58 -6.58 10.00
CA ASN A 215 47.13 -7.76 9.33
C ASN A 215 46.17 -8.22 8.25
N TYR A 216 46.63 -8.20 7.00
CA TYR A 216 45.91 -8.80 5.89
C TYR A 216 46.92 -9.27 4.87
N ASN A 217 46.54 -10.29 4.10
CA ASN A 217 47.46 -10.95 3.17
C ASN A 217 46.88 -10.94 1.77
N GLN A 218 47.77 -11.01 0.78
CA GLN A 218 47.36 -11.06 -0.62
C GLN A 218 46.46 -12.25 -0.89
N ARG A 219 46.81 -13.43 -0.34
CA ARG A 219 45.99 -14.61 -0.55
C ARG A 219 44.62 -14.46 0.09
N MET A 220 44.54 -13.79 1.24
CA MET A 220 43.25 -13.54 1.87
C MET A 220 42.35 -12.72 0.96
N CYS A 221 42.93 -11.80 0.19
CA CYS A 221 42.15 -11.03 -0.77
C CYS A 221 41.61 -11.91 -1.88
N ASN A 222 42.47 -12.80 -2.41
CA ASN A 222 42.05 -13.67 -3.50
C ASN A 222 41.07 -14.75 -3.06
N GLU A 223 41.03 -15.05 -1.75
CA GLU A 223 40.06 -16.04 -1.27
C GLU A 223 38.64 -15.51 -1.35
N ALA A 224 38.44 -14.24 -1.00
CA ALA A 224 37.09 -13.68 -1.02
C ALA A 224 36.54 -13.58 -2.44
N GLN A 225 37.42 -13.41 -3.43
CA GLN A 225 36.97 -13.36 -4.82
C GLN A 225 36.27 -14.65 -5.22
N ARG A 226 36.79 -15.80 -4.77
CA ARG A 226 36.28 -17.11 -5.13
C ARG A 226 35.75 -17.79 -3.86
N PRO A 227 34.53 -17.48 -3.45
CA PRO A 227 34.00 -18.06 -2.21
C PRO A 227 33.60 -19.51 -2.38
N SER A 228 33.41 -20.17 -1.24
CA SER A 228 33.08 -21.59 -1.25
C SER A 228 31.64 -21.84 -1.66
N LYS A 229 30.75 -20.88 -1.40
CA LYS A 229 29.34 -21.08 -1.71
C LYS A 229 29.09 -21.14 -3.20
N PHE A 230 29.76 -20.29 -3.97
CA PHE A 230 29.61 -20.25 -5.42
C PHE A 230 30.60 -21.17 -6.14
N GLY A 231 31.22 -22.09 -5.41
CA GLY A 231 32.10 -23.06 -6.04
C GLY A 231 33.46 -22.54 -6.45
N HIS A 232 34.02 -21.60 -5.68
CA HIS A 232 35.35 -21.04 -5.96
C HIS A 232 35.43 -20.43 -7.35
N ARG A 233 34.37 -19.74 -7.75
CA ARG A 233 34.34 -18.98 -9.00
C ARG A 233 34.41 -17.50 -8.66
N GLN A 234 35.33 -16.78 -9.30
CA GLN A 234 35.55 -15.38 -8.96
C GLN A 234 34.30 -14.56 -9.27
N MET A 235 33.70 -13.99 -8.23
CA MET A 235 32.50 -13.17 -8.38
C MET A 235 32.91 -11.79 -8.88
N VAL A 236 32.66 -11.52 -10.15
CA VAL A 236 33.04 -10.25 -10.77
C VAL A 236 31.79 -9.46 -11.10
N ASN A 237 32.00 -8.20 -11.46
CA ASN A 237 30.95 -7.27 -11.82
C ASN A 237 31.16 -6.80 -13.25
N GLY A 238 30.05 -6.63 -13.98
CA GLY A 238 30.12 -6.19 -15.35
C GLY A 238 29.02 -5.20 -15.66
N ILE A 239 29.09 -4.65 -16.87
CA ILE A 239 28.13 -3.66 -17.33
C ILE A 239 27.48 -4.18 -18.60
N LEU A 240 26.15 -4.25 -18.59
CA LEU A 240 25.38 -4.65 -19.76
C LEU A 240 24.95 -3.38 -20.50
N LYS A 241 25.33 -3.28 -21.76
CA LYS A 241 25.03 -2.11 -22.57
C LYS A 241 24.20 -2.53 -23.78
N PHE A 242 23.10 -1.82 -24.00
CA PHE A 242 22.35 -2.00 -25.24
C PHE A 242 21.81 -0.67 -25.71
N LYS A 243 21.86 -0.44 -27.02
CA LYS A 243 21.49 0.84 -27.59
C LYS A 243 20.03 0.85 -28.00
N THR A 244 19.36 1.97 -27.72
CA THR A 244 18.02 2.20 -28.25
C THR A 244 18.15 2.58 -29.72
N THR A 245 17.05 3.00 -30.34
CA THR A 245 17.00 3.35 -31.76
C THR A 245 17.44 2.21 -32.66
N SER A 246 17.48 0.98 -32.13
CA SER A 246 17.89 -0.18 -32.89
C SER A 246 16.69 -0.84 -33.55
N THR A 247 16.97 -1.59 -34.61
CA THR A 247 15.91 -2.27 -35.35
C THR A 247 15.59 -3.60 -34.70
N GLY A 248 14.31 -3.87 -34.49
CA GLY A 248 13.90 -5.14 -33.93
C GLY A 248 14.41 -5.33 -32.52
N LYS A 249 15.09 -6.43 -32.29
CA LYS A 249 15.62 -6.74 -30.97
C LYS A 249 16.97 -6.04 -30.77
N PRO A 250 17.14 -5.23 -29.74
CA PRO A 250 18.41 -4.53 -29.56
C PRO A 250 19.54 -5.48 -29.21
N LEU A 251 20.74 -5.13 -29.68
CA LEU A 251 21.91 -5.96 -29.44
C LEU A 251 22.48 -5.68 -28.05
N LEU A 252 22.82 -6.74 -27.33
CA LEU A 252 23.31 -6.66 -25.96
C LEU A 252 24.79 -6.96 -25.93
N SER A 253 25.56 -6.15 -25.21
CA SER A 253 26.98 -6.39 -25.00
C SER A 253 27.28 -6.36 -23.50
N VAL A 254 28.29 -7.11 -23.10
CA VAL A 254 28.68 -7.23 -21.70
C VAL A 254 30.16 -6.88 -21.57
N GLY A 255 30.46 -5.89 -20.74
CA GLY A 255 31.84 -5.56 -20.44
C GLY A 255 32.19 -5.88 -19.00
N THR A 256 33.08 -6.83 -18.79
CA THR A 256 33.41 -7.30 -17.45
C THR A 256 34.46 -6.38 -16.83
N LEU A 257 34.16 -5.83 -15.66
CA LEU A 257 35.14 -5.02 -14.95
C LEU A 257 36.26 -5.89 -14.41
N SER A 258 37.48 -5.39 -14.49
CA SER A 258 38.64 -6.17 -14.05
C SER A 258 38.57 -6.40 -12.54
N PRO A 259 38.89 -7.61 -12.08
CA PRO A 259 38.83 -7.89 -10.63
C PRO A 259 39.78 -7.04 -9.80
N SER A 260 40.69 -6.30 -10.42
CA SER A 260 41.60 -5.45 -9.66
C SER A 260 40.87 -4.27 -9.02
N VAL A 261 39.82 -3.77 -9.67
CA VAL A 261 39.10 -2.60 -9.18
C VAL A 261 37.84 -2.99 -8.42
N VAL A 262 37.14 -4.03 -8.85
CA VAL A 262 35.93 -4.51 -8.18
C VAL A 262 36.36 -5.52 -7.12
N PRO A 263 36.01 -5.32 -5.85
CA PRO A 263 36.42 -6.27 -4.82
C PRO A 263 35.63 -7.58 -4.89
N PHE A 264 34.30 -7.47 -4.97
CA PHE A 264 33.43 -8.63 -4.99
C PHE A 264 32.20 -8.30 -5.81
N GLY A 265 31.88 -9.16 -6.77
CA GLY A 265 30.74 -8.93 -7.63
C GLY A 265 29.41 -9.24 -6.96
N SER A 266 28.60 -8.20 -6.75
CA SER A 266 27.28 -8.36 -6.15
C SER A 266 26.41 -7.21 -6.63
N GLU A 267 25.31 -6.98 -5.92
CA GLU A 267 24.36 -5.95 -6.32
C GLU A 267 24.99 -4.56 -6.22
N GLY A 268 24.45 -3.64 -7.01
CA GLY A 268 24.97 -2.28 -7.05
C GLY A 268 24.04 -1.40 -7.85
N ARG A 269 24.31 -0.09 -7.76
CA ARG A 269 23.47 0.92 -8.40
C ARG A 269 24.33 1.83 -9.25
N LEU A 270 23.77 2.25 -10.40
CA LEU A 270 24.40 3.21 -11.29
C LEU A 270 23.54 4.46 -11.34
N MET A 271 24.15 5.62 -11.10
CA MET A 271 23.47 6.90 -11.16
C MET A 271 24.30 7.85 -12.01
N TYR A 272 23.68 8.47 -13.01
CA TYR A 272 24.40 9.37 -13.89
C TYR A 272 23.82 10.77 -13.77
N SER A 273 24.69 11.78 -13.77
CA SER A 273 24.22 13.16 -13.63
C SER A 273 24.49 13.95 -14.91
N GLU A 274 23.44 14.59 -15.43
CA GLU A 274 23.61 15.45 -16.60
C GLU A 274 24.42 16.69 -16.28
N ILE A 275 24.34 17.18 -15.04
CA ILE A 275 25.11 18.35 -14.65
C ILE A 275 26.59 18.01 -14.54
N THR A 276 26.91 16.78 -14.13
CA THR A 276 28.30 16.38 -13.91
C THR A 276 28.87 15.50 -15.02
N LYS A 277 28.01 14.84 -15.80
CA LYS A 277 28.44 13.93 -16.88
C LYS A 277 29.27 12.76 -16.33
N ILE A 278 29.00 12.36 -15.09
CA ILE A 278 29.70 11.28 -14.42
C ILE A 278 28.65 10.24 -13.99
N ILE A 279 29.08 8.97 -13.89
CA ILE A 279 28.21 7.90 -13.44
C ILE A 279 28.74 7.43 -12.09
N TYR A 280 28.17 7.98 -11.02
CA TYR A 280 28.46 7.49 -9.68
C TYR A 280 27.98 6.05 -9.53
N LEU A 281 28.84 5.21 -8.98
CA LEU A 281 28.63 3.78 -8.89
C LEU A 281 28.62 3.36 -7.43
N TYR A 282 27.50 2.87 -6.95
CA TYR A 282 27.41 2.24 -5.64
C TYR A 282 27.52 0.74 -5.82
N LEU A 283 28.18 0.08 -4.88
CA LEU A 283 28.33 -1.37 -4.91
C LEU A 283 28.02 -1.91 -3.53
N ARG A 284 27.00 -2.76 -3.44
CA ARG A 284 26.65 -3.39 -2.18
C ARG A 284 27.76 -4.31 -1.71
N SER A 285 28.16 -4.16 -0.46
CA SER A 285 29.26 -4.95 0.12
C SER A 285 28.68 -6.24 0.67
N THR A 286 28.92 -7.35 -0.02
CA THR A 286 28.46 -8.65 0.41
C THR A 286 29.62 -9.56 0.83
N SER A 287 30.81 -9.00 1.04
CA SER A 287 31.97 -9.80 1.42
C SER A 287 32.52 -9.21 2.71
N TRP A 288 33.78 -8.77 2.73
CA TRP A 288 34.42 -8.28 3.94
C TRP A 288 34.52 -6.77 4.02
N HIS A 289 34.48 -6.08 2.88
CA HIS A 289 34.65 -4.62 2.84
C HIS A 289 33.36 -3.96 3.34
N ALA A 290 33.16 -4.05 4.66
CA ALA A 290 31.91 -3.57 5.26
C ALA A 290 31.69 -2.08 5.03
N LEU A 291 32.77 -1.32 4.83
CA LEU A 291 32.63 0.08 4.51
C LEU A 291 31.95 0.24 3.15
N PRO A 292 31.11 1.26 2.97
CA PRO A 292 30.36 1.38 1.71
C PRO A 292 31.28 1.60 0.52
N LEU A 293 30.98 0.88 -0.57
CA LEU A 293 31.78 0.91 -1.79
C LEU A 293 31.15 1.91 -2.75
N THR A 294 31.59 3.15 -2.67
CA THR A 294 31.17 4.20 -3.60
C THR A 294 32.32 4.52 -4.54
N GLY A 295 31.99 4.88 -5.78
CA GLY A 295 33.01 5.20 -6.75
C GLY A 295 32.46 6.07 -7.85
N LEU A 296 33.36 6.50 -8.73
CA LEU A 296 33.01 7.37 -9.86
C LEU A 296 33.38 6.68 -11.16
N PHE A 297 32.41 6.00 -11.77
CA PHE A 297 32.59 5.37 -13.07
C PHE A 297 32.59 6.42 -14.19
N VAL A 298 33.56 6.26 -15.10
CA VAL A 298 33.64 7.07 -16.31
C VAL A 298 33.33 6.18 -17.51
N LEU A 299 32.64 6.75 -18.50
CA LEU A 299 32.23 6.02 -19.70
C LEU A 299 33.29 6.05 -20.80
N GLY A 300 34.56 6.22 -20.44
CA GLY A 300 35.63 6.23 -21.42
C GLY A 300 35.76 4.89 -22.12
N PRO A 301 36.28 4.91 -23.34
CA PRO A 301 36.49 3.65 -24.09
C PRO A 301 37.32 2.66 -23.29
N PRO A 302 38.30 3.12 -22.49
CA PRO A 302 38.79 2.25 -21.40
C PRO A 302 38.00 2.48 -20.12
N THR A 303 37.33 1.43 -19.64
CA THR A 303 36.51 1.56 -18.44
C THR A 303 37.39 1.89 -17.24
N SER A 304 36.97 2.89 -16.46
CA SER A 304 37.74 3.31 -15.31
C SER A 304 36.82 3.68 -14.14
N ILE A 305 37.22 3.22 -12.96
CA ILE A 305 36.51 3.44 -11.71
C ILE A 305 37.51 3.97 -10.69
N SER A 306 37.12 5.01 -9.97
CA SER A 306 37.87 5.52 -8.84
C SER A 306 37.00 5.40 -7.60
N TRP A 307 37.39 4.52 -6.67
CA TRP A 307 36.64 4.33 -5.44
C TRP A 307 36.94 5.44 -4.45
N ILE A 308 35.90 5.90 -3.76
CA ILE A 308 36.00 6.94 -2.74
C ILE A 308 35.77 6.28 -1.39
N VAL A 309 36.66 6.57 -0.44
CA VAL A 309 36.60 5.94 0.88
C VAL A 309 35.51 6.60 1.71
N GLN A 310 34.62 5.78 2.27
CA GLN A 310 33.56 6.26 3.16
C GLN A 310 33.68 5.48 4.47
N ARG A 311 33.80 6.21 5.58
CA ARG A 311 34.02 5.60 6.89
C ARG A 311 32.98 6.08 7.89
N ALA A 312 31.74 6.27 7.45
CA ALA A 312 30.69 6.79 8.31
C ALA A 312 29.59 5.79 8.64
N VAL A 313 29.27 4.88 7.73
CA VAL A 313 28.25 3.86 7.94
C VAL A 313 28.79 2.52 7.48
N SER A 314 27.98 1.49 7.64
CA SER A 314 28.35 0.13 7.26
C SER A 314 27.08 -0.72 7.14
N ARG A 315 27.26 -1.97 6.76
CA ARG A 315 26.16 -2.90 6.56
C ARG A 315 26.23 -4.02 7.58
N PRO A 316 25.12 -4.38 8.21
CA PRO A 316 25.14 -5.52 9.15
C PRO A 316 25.41 -6.83 8.42
N GLY A 317 26.08 -7.75 9.12
CA GLY A 317 26.39 -9.05 8.56
C GLY A 317 26.54 -10.12 9.61
N GLU A 318 26.95 -11.31 9.20
CA GLU A 318 27.12 -12.41 10.14
C GLU A 318 28.32 -12.17 11.05
N PHE A 319 28.58 -13.12 11.93
CA PHE A 319 29.65 -12.94 12.93
C PHE A 319 31.03 -12.84 12.30
N PRO A 320 31.45 -13.71 11.37
CA PRO A 320 32.78 -13.52 10.76
C PRO A 320 32.93 -12.24 9.97
N CYS A 321 31.86 -11.76 9.34
CA CYS A 321 31.90 -10.56 8.50
C CYS A 321 30.71 -9.67 8.85
N GLY A 322 30.81 -9.01 10.00
CA GLY A 322 29.81 -8.05 10.43
C GLY A 322 30.11 -6.65 9.95
N ALA A 323 29.41 -5.69 10.54
CA ALA A 323 29.60 -4.29 10.18
C ALA A 323 30.93 -3.72 10.66
N SER A 324 31.68 -4.46 11.46
CA SER A 324 32.94 -3.98 12.02
C SER A 324 34.13 -4.87 11.71
N ASN A 325 33.95 -5.88 10.85
CA ASN A 325 35.08 -6.72 10.46
C ASN A 325 36.11 -5.94 9.65
N ARG A 326 35.70 -5.46 8.47
CA ARG A 326 36.48 -4.55 7.64
C ARG A 326 37.79 -5.16 7.14
N CYS A 327 38.04 -6.43 7.44
CA CYS A 327 39.29 -7.05 7.01
C CYS A 327 39.01 -8.31 6.18
N PRO A 328 39.89 -8.63 5.24
CA PRO A 328 39.58 -9.67 4.25
C PRO A 328 39.30 -11.03 4.88
N LYS A 329 38.09 -11.54 4.66
CA LYS A 329 37.70 -12.88 5.07
C LYS A 329 36.78 -13.46 4.01
N ASP A 330 36.88 -14.78 3.82
CA ASP A 330 36.05 -15.48 2.84
C ASP A 330 34.64 -15.60 3.39
N CYS A 331 33.72 -14.79 2.87
CA CYS A 331 32.37 -14.73 3.40
C CYS A 331 31.45 -14.09 2.36
N VAL A 332 30.16 -14.41 2.45
CA VAL A 332 29.16 -13.81 1.57
C VAL A 332 27.90 -13.52 2.38
N THR A 333 27.71 -12.24 2.73
CA THR A 333 26.57 -11.82 3.55
C THR A 333 26.52 -10.30 3.54
N GLY A 334 25.36 -9.76 3.87
CA GLY A 334 25.18 -8.33 3.97
C GLY A 334 23.76 -7.94 3.60
N VAL A 335 23.60 -6.65 3.32
CA VAL A 335 22.31 -6.08 2.94
C VAL A 335 22.56 -4.92 1.99
N TYR A 336 21.56 -4.62 1.16
CA TYR A 336 21.68 -3.55 0.17
C TYR A 336 21.24 -2.24 0.78
N THR A 337 22.17 -1.30 0.92
CA THR A 337 21.88 0.05 1.38
C THR A 337 22.70 1.02 0.53
N ASP A 338 22.08 1.55 -0.52
CA ASP A 338 22.79 2.43 -1.44
C ASP A 338 22.93 3.83 -0.83
N LEU A 339 23.91 4.58 -1.34
CA LEU A 339 24.21 5.93 -0.89
C LEU A 339 24.09 6.87 -2.08
N PHE A 340 23.11 7.76 -2.04
CA PHE A 340 22.97 8.75 -3.11
C PHE A 340 24.02 9.85 -2.92
N PRO A 341 24.86 10.13 -3.91
CA PRO A 341 25.91 11.13 -3.74
C PRO A 341 25.35 12.54 -3.77
N LEU A 342 25.71 13.34 -2.76
CA LEU A 342 25.35 14.75 -2.71
C LEU A 342 26.53 15.66 -2.99
N GLY A 343 27.67 15.10 -3.40
CA GLY A 343 28.83 15.88 -3.76
C GLY A 343 29.31 15.52 -5.16
N SER A 344 30.21 16.36 -5.68
CA SER A 344 30.72 16.14 -7.03
C SER A 344 31.53 14.85 -7.13
N ARG A 345 32.17 14.44 -6.05
CA ARG A 345 32.98 13.22 -6.00
C ARG A 345 32.65 12.40 -4.77
N TYR A 346 31.34 12.18 -4.53
CA TYR A 346 30.85 11.51 -3.33
C TYR A 346 31.33 12.20 -2.06
N GLU A 347 31.53 13.51 -2.13
CA GLU A 347 32.01 14.26 -0.98
C GLU A 347 31.04 14.16 0.18
N TYR A 348 29.74 14.28 -0.10
CA TYR A 348 28.69 14.04 0.88
C TYR A 348 27.69 13.06 0.28
N ALA A 349 27.01 12.31 1.14
CA ALA A 349 26.10 11.28 0.66
C ALA A 349 24.92 11.17 1.61
N ALA A 350 23.77 10.80 1.05
CA ALA A 350 22.56 10.56 1.83
C ALA A 350 22.14 9.12 1.67
N THR A 351 21.77 8.48 2.77
CA THR A 351 21.40 7.07 2.70
C THR A 351 20.46 6.72 3.85
N VAL A 352 19.91 5.52 3.79
CA VAL A 352 19.12 4.93 4.87
C VAL A 352 19.75 3.58 5.16
N TYR A 353 20.58 3.53 6.19
CA TYR A 353 21.38 2.34 6.50
C TYR A 353 20.84 1.63 7.72
N LEU A 354 21.29 0.40 7.92
CA LEU A 354 20.89 -0.41 9.07
C LEU A 354 21.95 -0.24 10.14
N ASN A 355 21.56 0.42 11.24
CA ASN A 355 22.51 0.82 12.27
C ASN A 355 23.05 -0.36 13.08
N SER A 356 22.36 -1.50 13.06
CA SER A 356 22.77 -2.63 13.87
C SER A 356 24.05 -3.25 13.33
N GLU A 357 24.69 -4.07 14.17
CA GLU A 357 25.96 -4.71 13.83
C GLU A 357 25.77 -6.04 13.13
N THR A 358 24.81 -6.86 13.56
CA THR A 358 24.60 -8.18 13.01
C THR A 358 23.23 -8.32 12.35
N TYR A 359 22.16 -8.10 13.09
CA TYR A 359 20.82 -8.27 12.54
C TYR A 359 20.47 -7.11 11.62
N ARG A 360 19.71 -7.42 10.57
CA ARG A 360 19.28 -6.42 9.59
C ARG A 360 18.03 -5.72 10.11
N VAL A 361 18.23 -4.93 11.16
CA VAL A 361 17.17 -4.18 11.81
C VAL A 361 17.63 -2.75 12.03
N ASN A 362 16.75 -1.94 12.63
CA ASN A 362 16.99 -0.54 12.95
C ASN A 362 17.33 0.26 11.70
N PRO A 363 16.35 0.57 10.85
CA PRO A 363 16.62 1.44 9.69
C PRO A 363 16.76 2.89 10.15
N THR A 364 17.80 3.55 9.66
CA THR A 364 18.14 4.90 10.12
C THR A 364 18.57 5.73 8.92
N LEU A 365 17.91 6.86 8.74
CA LEU A 365 18.28 7.84 7.73
C LEU A 365 19.49 8.63 8.21
N ALA A 366 20.44 8.88 7.30
CA ALA A 366 21.67 9.54 7.69
C ALA A 366 22.32 10.22 6.49
N LEU A 367 22.81 11.44 6.73
CA LEU A 367 23.66 12.18 5.80
C LEU A 367 25.08 12.20 6.35
N ILE A 368 26.05 11.88 5.49
CA ILE A 368 27.43 11.65 5.91
C ILE A 368 28.37 12.39 4.97
N ASN A 369 29.56 12.68 5.46
CA ASN A 369 30.66 13.00 4.57
C ASN A 369 31.51 11.76 4.35
N GLN A 370 32.81 11.93 4.18
CA GLN A 370 33.71 10.80 3.97
C GLN A 370 34.33 10.30 5.26
N THR A 371 33.95 10.85 6.41
CA THR A 371 34.55 10.46 7.67
C THR A 371 33.50 10.21 8.75
N ASN A 372 32.61 11.17 8.97
CA ASN A 372 31.60 11.02 10.02
C ASN A 372 30.19 11.23 9.49
N ILE A 373 29.21 11.33 10.39
CA ILE A 373 27.80 11.45 10.05
C ILE A 373 27.35 12.87 10.38
N ILE A 374 26.86 13.58 9.36
CA ILE A 374 26.42 14.96 9.57
C ILE A 374 25.16 15.00 10.42
N ALA A 375 24.13 14.28 10.01
CA ALA A 375 22.88 14.21 10.76
C ALA A 375 22.28 12.82 10.60
N SER A 376 21.38 12.48 11.52
CA SER A 376 20.80 11.15 11.53
C SER A 376 19.38 11.21 12.11
N LYS A 377 18.54 10.28 11.66
CA LYS A 377 17.17 10.20 12.16
C LYS A 377 16.63 8.80 11.85
N LYS A 378 16.20 8.09 12.89
CA LYS A 378 15.63 6.77 12.69
C LYS A 378 14.25 6.87 12.03
N VAL A 379 13.95 5.89 11.18
CA VAL A 379 12.71 5.92 10.41
C VAL A 379 11.51 5.78 11.34
N THR A 380 11.42 4.65 12.05
CA THR A 380 10.31 4.41 12.96
C THR A 380 10.81 4.12 14.36
N THR A 381 11.19 2.88 14.63
CA THR A 381 11.69 2.46 15.94
C THR A 381 13.00 1.71 15.76
N GLU A 382 13.69 1.50 16.88
CA GLU A 382 14.97 0.79 16.84
C GLU A 382 14.77 -0.69 16.55
N SER A 383 13.71 -1.29 17.07
CA SER A 383 13.43 -2.70 16.86
C SER A 383 12.77 -2.98 15.52
N GLN A 384 12.63 -1.98 14.66
CA GLN A 384 12.01 -2.18 13.35
C GLN A 384 12.92 -3.01 12.46
N ARG A 385 12.39 -4.09 11.91
CA ARG A 385 13.14 -4.90 10.96
C ARG A 385 13.06 -4.29 9.58
N ALA A 386 14.16 -4.42 8.82
CA ALA A 386 14.27 -3.80 7.51
C ALA A 386 15.06 -4.71 6.57
N GLY A 387 15.09 -4.31 5.29
CA GLY A 387 15.81 -5.05 4.28
C GLY A 387 16.54 -4.14 3.31
N TYR A 388 16.21 -4.26 2.02
CA TYR A 388 16.84 -3.42 1.01
C TYR A 388 16.36 -1.98 1.14
N THR A 389 17.26 -1.03 0.88
CA THR A 389 16.95 0.39 0.90
C THR A 389 17.49 1.05 -0.36
N THR A 390 16.69 1.95 -0.94
CA THR A 390 17.10 2.72 -2.11
C THR A 390 16.73 4.18 -1.87
N THR A 391 17.58 5.09 -2.33
CA THR A 391 17.41 6.51 -2.06
C THR A 391 17.79 7.33 -3.28
N THR A 392 16.92 8.27 -3.66
CA THR A 392 17.17 9.15 -4.79
C THR A 392 16.75 10.56 -4.43
N CYS A 393 17.64 11.52 -4.67
CA CYS A 393 17.41 12.91 -4.32
C CYS A 393 17.28 13.78 -5.58
N PHE A 394 16.61 14.91 -5.41
CA PHE A 394 16.30 15.80 -6.51
C PHE A 394 16.00 17.19 -5.95
N VAL A 395 15.62 18.11 -6.83
CA VAL A 395 15.24 19.46 -6.45
C VAL A 395 13.85 19.73 -7.00
N PHE A 396 12.98 20.29 -6.18
CA PHE A 396 11.64 20.70 -6.60
C PHE A 396 11.36 22.08 -6.04
N LYS A 397 11.15 23.04 -6.94
CA LYS A 397 10.92 24.44 -6.56
C LYS A 397 12.06 24.96 -5.69
N LEU A 398 13.29 24.74 -6.16
CA LEU A 398 14.50 25.23 -5.51
C LEU A 398 14.63 24.69 -4.08
N ARG A 399 14.21 23.44 -3.89
CA ARG A 399 14.29 22.80 -2.58
C ARG A 399 14.83 21.39 -2.75
N VAL A 400 15.79 21.02 -1.90
CA VAL A 400 16.40 19.70 -1.97
C VAL A 400 15.48 18.68 -1.30
N TRP A 401 14.96 17.73 -2.09
CA TRP A 401 14.10 16.67 -1.59
C TRP A 401 14.75 15.32 -1.86
N CYS A 402 14.31 14.31 -1.11
CA CYS A 402 14.80 12.95 -1.29
C CYS A 402 13.68 11.96 -1.03
N ILE A 403 13.61 10.94 -1.87
CA ILE A 403 12.67 9.84 -1.72
C ILE A 403 13.47 8.57 -1.43
N SER A 404 13.08 7.85 -0.38
CA SER A 404 13.79 6.66 0.05
C SER A 404 12.79 5.54 0.24
N VAL A 405 12.89 4.50 -0.58
CA VAL A 405 12.04 3.31 -0.47
C VAL A 405 12.84 2.25 0.27
N VAL A 406 12.35 1.83 1.43
CA VAL A 406 13.02 0.80 2.21
C VAL A 406 12.06 -0.36 2.44
N GLU A 407 12.61 -1.56 2.47
CA GLU A 407 11.83 -2.73 2.87
C GLU A 407 11.63 -2.71 4.38
N LEU A 408 10.39 -2.84 4.82
CA LEU A 408 10.09 -2.96 6.24
C LEU A 408 9.47 -4.32 6.51
N ALA A 409 9.78 -4.86 7.68
CA ALA A 409 9.31 -6.15 8.12
C ALA A 409 8.94 -6.05 9.60
N PRO A 410 7.82 -6.68 10.02
CA PRO A 410 6.85 -7.40 9.18
C PRO A 410 5.92 -6.44 8.45
N SER A 411 4.88 -6.95 7.81
CA SER A 411 3.88 -6.14 7.14
C SER A 411 2.51 -6.42 7.77
N THR A 412 1.46 -5.91 7.12
CA THR A 412 0.11 -6.15 7.62
C THR A 412 -0.27 -7.62 7.50
N MET A 413 0.05 -8.24 6.36
CA MET A 413 -0.20 -9.66 6.15
C MET A 413 0.94 -10.40 5.49
N THR A 414 1.99 -9.71 5.04
CA THR A 414 3.12 -10.33 4.38
C THR A 414 4.37 -10.22 5.28
N ALA A 415 5.48 -10.74 4.78
CA ALA A 415 6.73 -10.70 5.52
C ALA A 415 7.51 -9.40 5.27
N TYR A 416 7.48 -8.89 4.05
CA TYR A 416 8.18 -7.67 3.69
C TYR A 416 7.25 -6.73 2.94
N GLU A 417 7.52 -5.43 3.07
CA GLU A 417 6.79 -4.44 2.29
C GLU A 417 7.68 -3.24 2.02
N PRO A 418 7.95 -2.90 0.76
CA PRO A 418 8.71 -1.68 0.45
C PRO A 418 7.83 -0.46 0.60
N ILE A 419 8.26 0.48 1.43
CA ILE A 419 7.51 1.72 1.65
C ILE A 419 8.42 2.90 1.33
N PRO A 420 7.92 3.90 0.61
CA PRO A 420 8.71 5.11 0.34
C PRO A 420 8.50 6.18 1.39
N PHE A 421 9.50 7.04 1.52
CA PHE A 421 9.48 8.16 2.45
C PHE A 421 10.02 9.38 1.72
N LEU A 422 9.25 10.47 1.76
CA LEU A 422 9.60 11.72 1.12
C LEU A 422 10.01 12.71 2.20
N TYR A 423 11.22 13.27 2.09
CA TYR A 423 11.71 14.19 3.10
C TYR A 423 12.52 15.29 2.43
N GLN A 424 12.76 16.35 3.19
CA GLN A 424 13.49 17.53 2.72
C GLN A 424 14.83 17.62 3.44
N LEU A 425 15.90 17.82 2.68
CA LEU A 425 17.24 18.01 3.22
C LEU A 425 17.58 19.49 3.10
N ASP A 426 17.49 20.21 4.22
CA ASP A 426 17.79 21.65 4.26
C ASP A 426 19.30 21.81 4.41
N LEU A 427 20.00 21.62 3.30
CA LEU A 427 21.45 21.72 3.29
C LEU A 427 21.89 23.16 3.51
N THR A 428 22.73 23.38 4.52
CA THR A 428 23.24 24.71 4.85
C THR A 428 24.73 24.60 5.13
N CYS A 429 25.51 25.45 4.47
CA CYS A 429 26.96 25.48 4.65
C CYS A 429 27.35 26.81 5.27
N LYS A 430 28.01 26.76 6.42
CA LYS A 430 28.32 27.98 7.14
C LYS A 430 29.62 27.80 7.92
N GLY A 431 30.16 28.91 8.42
CA GLY A 431 31.39 28.92 9.17
C GLY A 431 31.17 29.00 10.67
N LYS A 432 32.26 29.27 11.39
CA LYS A 432 32.18 29.44 12.84
C LYS A 432 31.46 30.72 13.23
N ASN A 433 31.42 31.71 12.33
CA ASN A 433 30.61 32.90 12.56
C ASN A 433 29.18 32.53 12.91
N GLY A 434 28.68 31.42 12.37
CA GLY A 434 27.31 31.00 12.57
C GLY A 434 26.35 31.52 11.52
N SER A 435 26.77 32.48 10.71
CA SER A 435 25.98 32.97 9.60
C SER A 435 26.26 32.15 8.35
N LEU A 436 25.22 31.98 7.53
CA LEU A 436 25.33 31.22 6.29
C LEU A 436 26.42 31.78 5.39
N ALA A 437 27.54 31.06 5.28
CA ALA A 437 28.65 31.49 4.44
C ALA A 437 28.51 31.04 2.98
N MET A 438 27.55 30.15 2.70
CA MET A 438 27.36 29.63 1.35
C MET A 438 25.88 29.37 1.12
N ARG A 439 25.34 29.95 0.05
CA ARG A 439 23.97 29.71 -0.36
C ARG A 439 24.00 28.83 -1.62
N PHE A 440 23.53 27.59 -1.48
CA PHE A 440 23.55 26.65 -2.59
C PHE A 440 22.65 27.14 -3.72
N ALA A 441 23.14 27.01 -4.96
CA ALA A 441 22.47 27.54 -6.13
C ALA A 441 22.27 26.45 -7.16
N GLY A 442 21.62 26.80 -8.26
CA GLY A 442 21.41 25.86 -9.33
C GLY A 442 21.13 26.60 -10.62
N LYS A 443 20.72 25.85 -11.64
CA LYS A 443 20.38 26.45 -12.93
C LYS A 443 19.19 27.38 -12.82
N GLU A 444 18.15 26.95 -12.11
CA GLU A 444 16.96 27.78 -11.94
C GLU A 444 17.23 28.93 -10.99
N GLY A 445 18.15 28.77 -10.06
CA GLY A 445 18.46 29.81 -9.10
C GLY A 445 19.04 29.21 -7.83
N THR A 446 19.14 30.05 -6.81
CA THR A 446 19.68 29.61 -5.53
C THR A 446 18.67 28.73 -4.81
N TYR A 447 19.12 27.56 -4.36
CA TYR A 447 18.27 26.67 -3.60
C TYR A 447 17.78 27.36 -2.33
N LYS A 448 16.47 27.37 -2.13
CA LYS A 448 15.89 28.05 -0.98
C LYS A 448 16.23 27.31 0.31
N SER A 449 16.38 28.07 1.39
CA SER A 449 16.70 27.54 2.70
C SER A 449 15.50 27.68 3.63
N GLY A 450 15.32 26.70 4.50
CA GLY A 450 14.23 26.68 5.44
C GLY A 450 13.21 25.61 5.10
N ARG A 451 12.26 25.45 6.03
CA ARG A 451 11.18 24.48 5.84
C ARG A 451 10.27 24.92 4.70
N TYR A 452 9.72 23.94 3.99
CA TYR A 452 8.90 24.23 2.80
C TYR A 452 7.67 25.07 3.14
N LYS A 453 7.20 25.01 4.38
CA LYS A 453 6.11 25.88 4.82
C LYS A 453 6.20 26.02 6.34
N SER A 454 5.57 27.08 6.85
CA SER A 454 5.56 27.28 8.29
C SER A 454 4.84 26.10 8.97
N PRO A 455 5.34 25.64 10.12
CA PRO A 455 4.73 24.47 10.76
C PRO A 455 3.29 24.76 11.18
N ARG A 456 2.44 23.75 11.04
CA ARG A 456 1.03 23.89 11.39
C ARG A 456 0.88 23.99 12.90
N ASN A 457 0.57 25.20 13.38
CA ASN A 457 0.32 25.47 14.80
C ASN A 457 -1.06 26.12 14.87
N GLU A 458 -2.10 25.29 14.88
CA GLU A 458 -3.45 25.80 14.76
C GLU A 458 -4.30 25.42 15.96
N CYS A 459 -5.39 26.17 16.15
CA CYS A 459 -6.38 25.90 17.18
C CYS A 459 -7.75 26.00 16.55
N PHE A 460 -8.67 25.13 16.97
CA PHE A 460 -10.00 25.21 16.40
C PHE A 460 -11.02 24.53 17.33
N PHE A 461 -12.28 24.89 17.14
CA PHE A 461 -13.39 24.30 17.87
C PHE A 461 -13.97 23.16 17.05
N GLU A 462 -14.15 22.00 17.68
CA GLU A 462 -14.76 20.86 17.00
C GLU A 462 -15.88 20.29 17.86
N LYS A 463 -16.95 19.86 17.19
CA LYS A 463 -18.10 19.27 17.86
C LYS A 463 -18.08 17.76 17.65
N VAL A 464 -17.94 17.01 18.75
CA VAL A 464 -18.02 15.56 18.73
C VAL A 464 -19.07 15.15 19.76
N SER A 465 -19.93 14.20 19.37
CA SER A 465 -21.04 13.74 20.22
C SER A 465 -21.87 14.93 20.71
N ASN A 466 -22.11 15.88 19.81
CA ASN A 466 -22.89 17.08 20.10
C ASN A 466 -22.26 17.92 21.22
N LYS A 467 -20.93 17.92 21.31
CA LYS A 467 -20.21 18.68 22.32
C LYS A 467 -19.06 19.42 21.65
N TYR A 468 -19.03 20.74 21.81
CA TYR A 468 -17.94 21.54 21.27
C TYR A 468 -16.76 21.55 22.23
N TYR A 469 -15.55 21.58 21.67
CA TYR A 469 -14.36 21.63 22.50
C TYR A 469 -13.18 22.19 21.70
N PHE A 470 -12.26 22.79 22.45
CA PHE A 470 -11.00 23.29 21.89
C PHE A 470 -10.14 22.12 21.39
N ILE A 471 -9.37 22.39 20.34
CA ILE A 471 -8.37 21.45 19.84
C ILE A 471 -7.13 22.27 19.51
N VAL A 472 -6.03 21.97 20.19
CA VAL A 472 -4.74 22.56 19.90
C VAL A 472 -3.94 21.55 19.10
N SER A 473 -3.68 21.86 17.83
CA SER A 473 -2.93 21.00 16.93
C SER A 473 -1.55 21.61 16.71
N THR A 474 -0.53 20.95 17.24
CA THR A 474 0.87 21.30 17.11
C THR A 474 1.61 20.14 16.46
N PRO A 475 2.78 20.40 15.86
CA PRO A 475 3.53 19.28 15.24
C PRO A 475 3.99 18.23 16.22
N GLU A 476 4.03 18.53 17.53
CA GLU A 476 4.40 17.55 18.52
C GLU A 476 3.23 16.67 18.96
N GLY A 477 2.03 17.23 18.96
CA GLY A 477 0.86 16.47 19.37
C GLY A 477 -0.38 17.33 19.31
N ILE A 478 -1.53 16.65 19.24
CA ILE A 478 -2.83 17.29 19.21
C ILE A 478 -3.55 16.98 20.51
N GLN A 479 -4.03 18.02 21.19
CA GLN A 479 -4.71 17.82 22.46
C GLN A 479 -6.07 18.51 22.44
N PRO A 480 -7.13 17.80 22.83
CA PRO A 480 -8.43 18.45 23.04
C PRO A 480 -8.60 18.97 24.45
N TYR A 481 -9.34 20.06 24.55
CA TYR A 481 -9.62 20.71 25.82
C TYR A 481 -11.11 21.04 25.90
N GLU A 482 -11.68 20.86 27.09
CA GLU A 482 -13.07 21.19 27.36
C GLU A 482 -13.15 22.67 27.71
N ILE A 483 -13.99 23.41 26.98
CA ILE A 483 -14.16 24.83 27.19
C ILE A 483 -15.12 25.05 28.34
N ARG A 484 -14.78 25.97 29.25
CA ARG A 484 -15.62 26.30 30.39
C ARG A 484 -15.56 27.80 30.64
N ASP A 485 -16.68 28.34 31.09
CA ASP A 485 -16.84 29.78 31.28
C ASP A 485 -16.36 30.17 32.67
N LEU A 486 -15.24 30.89 32.74
CA LEU A 486 -14.72 31.40 34.02
C LEU A 486 -15.29 32.80 34.27
N THR A 487 -16.59 32.84 34.48
CA THR A 487 -17.35 34.09 34.62
C THR A 487 -16.94 35.15 33.59
N PRO A 488 -17.11 34.88 32.30
CA PRO A 488 -16.68 35.84 31.27
C PRO A 488 -17.80 36.77 30.85
N ASP A 489 -17.45 38.06 30.70
CA ASP A 489 -18.40 39.12 30.35
C ASP A 489 -19.55 39.21 31.35
N ARG A 490 -19.35 38.68 32.55
CA ARG A 490 -20.37 38.66 33.61
C ARG A 490 -21.64 37.96 33.14
N MET A 491 -21.46 36.88 32.35
CA MET A 491 -22.59 36.09 31.85
C MET A 491 -22.07 34.74 31.41
N PRO A 492 -22.78 33.64 31.72
CA PRO A 492 -22.28 32.32 31.29
C PRO A 492 -22.18 32.17 29.78
N HIS A 493 -23.10 32.79 29.03
CA HIS A 493 -23.10 32.70 27.57
C HIS A 493 -22.18 33.77 27.00
N ILE A 494 -21.33 33.36 26.05
CA ILE A 494 -20.20 34.16 25.59
C ILE A 494 -19.89 33.79 24.15
N ILE A 495 -19.06 34.62 23.51
CA ILE A 495 -18.58 34.36 22.16
C ILE A 495 -17.07 34.58 22.14
N MET A 496 -16.33 33.57 21.71
CA MET A 496 -14.89 33.66 21.58
C MET A 496 -14.45 33.05 20.27
N TYR A 497 -13.40 33.61 19.68
CA TYR A 497 -12.85 33.13 18.43
C TYR A 497 -11.46 32.55 18.66
N ILE A 498 -10.92 31.90 17.62
CA ILE A 498 -9.66 31.18 17.76
C ILE A 498 -8.51 32.16 17.99
N SER A 499 -8.42 33.20 17.16
CA SER A 499 -7.27 34.10 17.17
C SER A 499 -7.11 34.86 18.47
N ASP A 500 -8.10 34.82 19.37
CA ASP A 500 -8.00 35.55 20.62
C ASP A 500 -7.25 34.76 21.70
N VAL A 501 -7.16 33.44 21.57
CA VAL A 501 -6.60 32.61 22.62
C VAL A 501 -5.61 31.60 22.07
N CYS A 502 -5.51 31.51 20.74
CA CYS A 502 -4.70 30.46 20.14
C CYS A 502 -3.21 30.69 20.37
N ALA A 503 -2.72 31.90 20.07
CA ALA A 503 -1.28 32.17 20.17
C ALA A 503 -0.75 31.98 21.59
N PRO A 504 -1.34 32.57 22.65
CA PRO A 504 -0.82 32.29 23.99
C PRO A 504 -1.01 30.85 24.41
N ALA A 505 -2.10 30.20 23.98
CA ALA A 505 -2.28 28.78 24.27
C ALA A 505 -1.22 27.94 23.58
N LEU A 506 -0.84 28.31 22.35
CA LEU A 506 0.26 27.62 21.67
C LEU A 506 1.57 27.82 22.43
N SER A 507 1.84 29.05 22.88
CA SER A 507 3.04 29.31 23.65
C SER A 507 3.08 28.48 24.92
N ALA A 508 1.94 28.35 25.61
CA ALA A 508 1.90 27.55 26.83
C ALA A 508 1.98 26.06 26.53
N PHE A 509 1.46 25.63 25.37
CA PHE A 509 1.49 24.22 25.01
C PHE A 509 2.89 23.76 24.65
N LYS A 510 3.67 24.63 23.99
CA LYS A 510 5.04 24.27 23.63
C LYS A 510 5.92 24.13 24.86
N LYS A 511 5.60 24.84 25.95
CA LYS A 511 6.43 24.79 27.14
C LYS A 511 6.17 23.51 27.95
N LEU A 512 4.92 23.07 28.02
CA LEU A 512 4.60 21.87 28.77
C LEU A 512 5.15 20.63 28.07
N LEU A 513 5.90 19.83 28.83
CA LEU A 513 6.52 18.62 28.30
C LEU A 513 5.45 17.58 28.01
N PRO A 514 5.80 16.53 27.25
CA PRO A 514 4.84 15.44 27.02
C PRO A 514 4.33 14.84 28.32
N ALA A 515 3.15 14.23 28.24
CA ALA A 515 2.41 13.66 29.37
C ALA A 515 1.99 14.72 30.39
N MET A 516 2.23 15.99 30.11
CA MET A 516 1.79 17.08 30.96
C MET A 516 0.63 17.87 30.38
N ARG A 517 0.58 18.02 29.05
CA ARG A 517 -0.57 18.67 28.42
C ARG A 517 -1.88 17.96 28.70
N PRO A 518 -2.00 16.61 28.62
CA PRO A 518 -3.32 15.99 28.82
C PRO A 518 -3.80 15.98 30.26
N ILE A 519 -3.09 16.65 31.17
CA ILE A 519 -3.50 16.69 32.57
C ILE A 519 -3.47 18.11 33.11
N THR A 520 -2.96 19.06 32.32
CA THR A 520 -2.77 20.43 32.78
C THR A 520 -3.93 21.29 32.28
N THR A 521 -4.67 21.88 33.22
CA THR A 521 -5.72 22.83 32.87
C THR A 521 -5.10 24.12 32.36
N LEU A 522 -5.53 24.55 31.17
CA LEU A 522 -5.02 25.76 30.53
C LEU A 522 -6.04 26.87 30.72
N THR A 523 -5.76 27.79 31.64
CA THR A 523 -6.62 28.94 31.90
C THR A 523 -6.01 30.18 31.25
N ILE A 524 -6.81 30.86 30.44
CA ILE A 524 -6.36 32.06 29.73
C ILE A 524 -7.53 33.01 29.59
N GLY A 525 -7.29 34.29 29.88
CA GLY A 525 -8.33 35.30 29.78
C GLY A 525 -9.47 35.08 30.75
N ASN A 526 -10.63 34.71 30.22
CA ASN A 526 -11.82 34.48 31.03
C ASN A 526 -12.41 33.09 30.78
N TRP A 527 -11.62 32.17 30.22
CA TRP A 527 -12.09 30.85 29.87
C TRP A 527 -11.12 29.79 30.39
N GLN A 528 -11.66 28.69 30.90
CA GLN A 528 -10.87 27.60 31.44
C GLN A 528 -10.94 26.40 30.51
N PHE A 529 -9.78 25.88 30.12
CA PHE A 529 -9.70 24.72 29.23
C PHE A 529 -9.20 23.52 30.03
N ARG A 530 -9.96 22.42 30.01
CA ARG A 530 -9.63 21.25 30.79
C ARG A 530 -9.26 20.09 29.85
N PRO A 531 -8.03 19.58 29.89
CA PRO A 531 -7.66 18.49 28.96
C PRO A 531 -8.46 17.22 29.19
N VAL A 532 -9.40 16.95 28.29
CA VAL A 532 -10.29 15.79 28.38
C VAL A 532 -10.22 15.03 27.06
N GLU A 533 -9.95 13.72 27.15
CA GLU A 533 -9.88 12.85 25.98
C GLU A 533 -11.27 12.25 25.72
N VAL A 534 -11.88 12.62 24.61
CA VAL A 534 -13.20 12.14 24.22
C VAL A 534 -13.20 11.84 22.73
N SER A 535 -13.74 10.68 22.35
CA SER A 535 -13.83 10.28 20.96
C SER A 535 -15.27 9.94 20.62
N GLY A 536 -15.55 9.88 19.32
CA GLY A 536 -16.88 9.49 18.88
C GLY A 536 -17.17 8.04 19.17
N GLY A 537 -18.44 7.76 19.46
CA GLY A 537 -18.85 6.42 19.83
C GLY A 537 -18.80 5.40 18.70
N LEU A 538 -18.59 5.86 17.46
CA LEU A 538 -18.54 4.93 16.33
C LEU A 538 -17.37 3.96 16.46
N ARG A 539 -16.18 4.48 16.73
CA ARG A 539 -14.96 3.70 16.78
C ARG A 539 -14.18 4.07 18.02
N VAL A 540 -13.94 3.11 18.90
CA VAL A 540 -13.15 3.31 20.10
C VAL A 540 -11.70 2.95 19.80
N ASN A 541 -10.78 3.84 20.16
CA ASN A 541 -9.37 3.61 19.92
C ASN A 541 -8.52 4.11 21.08
N THR B 1 -18.13 3.31 -24.67
CA THR B 1 -17.37 4.49 -24.31
C THR B 1 -16.01 4.12 -23.76
N HIS B 2 -15.04 5.04 -23.90
CA HIS B 2 -13.69 4.78 -23.43
C HIS B 2 -13.59 5.01 -21.93
N SER B 3 -12.51 4.49 -21.34
CA SER B 3 -12.27 4.54 -19.90
C SER B 3 -13.47 3.96 -19.13
N ARG B 4 -13.89 2.77 -19.55
CA ARG B 4 -15.06 2.11 -18.98
C ARG B 4 -14.92 0.62 -19.19
N TYR B 5 -15.39 -0.17 -18.22
CA TYR B 5 -15.33 -1.61 -18.36
C TYR B 5 -16.38 -2.11 -19.35
N PHE B 6 -16.16 -3.32 -19.88
CA PHE B 6 -17.07 -3.94 -20.83
C PHE B 6 -17.56 -5.30 -20.35
N GLU B 7 -16.67 -6.24 -20.05
CA GLU B 7 -17.07 -7.55 -19.58
C GLU B 7 -17.68 -7.52 -18.18
N GLU B 8 -17.76 -6.35 -17.55
CA GLU B 8 -18.35 -6.22 -16.22
C GLU B 8 -19.87 -6.22 -16.33
N VAL B 9 -20.51 -7.10 -15.58
CA VAL B 9 -21.97 -7.23 -15.57
C VAL B 9 -22.43 -7.29 -14.12
N ASN B 10 -23.52 -6.59 -13.82
CA ASN B 10 -24.13 -6.69 -12.50
C ASN B 10 -24.67 -8.10 -12.29
N LEU B 11 -24.65 -8.55 -11.03
CA LEU B 11 -25.17 -9.86 -10.71
C LEU B 11 -26.66 -9.95 -11.02
N ASP B 12 -27.05 -11.04 -11.67
CA ASP B 12 -28.46 -11.31 -11.93
C ASP B 12 -29.09 -11.78 -10.62
N SER B 13 -29.59 -10.83 -9.84
CA SER B 13 -30.17 -11.14 -8.54
C SER B 13 -31.39 -12.03 -8.63
N ILE B 14 -31.87 -12.32 -9.84
CA ILE B 14 -32.98 -13.25 -10.05
C ILE B 14 -32.50 -14.67 -9.80
N SER B 15 -31.23 -14.81 -9.42
CA SER B 15 -30.64 -16.10 -9.09
C SER B 15 -31.22 -16.64 -7.78
N GLU B 16 -32.54 -16.77 -7.71
CA GLU B 16 -33.22 -17.30 -6.53
C GLU B 16 -33.73 -18.69 -6.89
N CYS B 17 -32.90 -19.70 -6.60
CA CYS B 17 -33.29 -21.09 -6.80
C CYS B 17 -33.86 -21.66 -5.50
N SER B 18 -35.01 -21.12 -5.12
CA SER B 18 -35.67 -21.52 -3.88
C SER B 18 -36.30 -22.91 -4.05
N GLY B 19 -37.07 -23.33 -3.06
CA GLY B 19 -37.68 -24.63 -3.08
C GLY B 19 -36.76 -25.69 -2.47
N PRO B 20 -37.34 -26.62 -1.72
CA PRO B 20 -36.51 -27.64 -1.06
C PRO B 20 -35.80 -28.56 -2.02
N ASP B 21 -36.22 -28.62 -3.29
CA ASP B 21 -35.52 -29.46 -4.25
C ASP B 21 -34.15 -28.91 -4.59
N MET B 22 -34.00 -27.60 -4.61
CA MET B 22 -32.74 -26.95 -4.97
C MET B 22 -32.06 -26.38 -3.74
N HIS B 23 -30.75 -26.55 -3.66
CA HIS B 23 -29.92 -26.04 -2.58
C HIS B 23 -28.74 -25.30 -3.19
N LEU B 24 -28.48 -24.10 -2.68
CA LEU B 24 -27.42 -23.24 -3.21
C LEU B 24 -26.15 -23.41 -2.40
N GLY B 25 -25.02 -23.34 -3.08
CA GLY B 25 -23.73 -23.43 -2.42
C GLY B 25 -22.63 -22.95 -3.33
N LEU B 26 -21.40 -23.25 -2.95
CA LEU B 26 -20.22 -22.90 -3.72
C LEU B 26 -19.57 -24.15 -4.28
N GLY B 27 -19.13 -24.06 -5.54
CA GLY B 27 -18.45 -25.18 -6.17
C GLY B 27 -16.97 -25.22 -5.85
N VAL B 28 -16.29 -24.10 -6.06
CA VAL B 28 -14.87 -23.97 -5.77
C VAL B 28 -14.70 -22.98 -4.62
N ASN B 29 -13.86 -23.33 -3.65
CA ASN B 29 -13.60 -22.44 -2.55
C ASN B 29 -12.91 -21.17 -3.06
N PRO B 30 -13.32 -19.99 -2.59
CA PRO B 30 -12.71 -18.75 -3.08
C PRO B 30 -11.25 -18.66 -2.68
N GLU B 31 -10.42 -18.21 -3.61
CA GLU B 31 -8.98 -18.06 -3.41
C GLU B 31 -8.58 -16.62 -3.67
N PHE B 32 -7.80 -16.05 -2.75
CA PHE B 32 -7.34 -14.68 -2.91
C PHE B 32 -6.24 -14.61 -3.96
N ILE B 33 -6.43 -13.75 -4.95
CA ILE B 33 -5.48 -13.58 -6.05
C ILE B 33 -4.70 -12.29 -5.83
N GLU B 34 -3.45 -12.29 -6.31
CA GLU B 34 -2.57 -11.16 -6.12
C GLU B 34 -2.72 -10.17 -7.28
N PHE B 35 -2.82 -8.89 -6.94
CA PHE B 35 -2.91 -7.82 -7.92
C PHE B 35 -2.48 -6.53 -7.24
N PRO B 36 -1.99 -5.54 -7.99
CA PRO B 36 -1.58 -4.27 -7.38
C PRO B 36 -2.76 -3.58 -6.72
N SER B 37 -2.66 -3.39 -5.40
CA SER B 37 -3.76 -2.85 -4.63
C SER B 37 -4.09 -1.42 -5.06
N PHE B 38 -5.36 -1.16 -5.32
CA PHE B 38 -5.84 0.18 -5.64
C PHE B 38 -5.99 1.05 -4.40
N ALA B 39 -5.62 0.54 -3.22
CA ALA B 39 -5.61 1.31 -1.98
C ALA B 39 -4.16 1.55 -1.58
N PRO B 40 -3.58 2.69 -1.96
CA PRO B 40 -2.16 2.92 -1.65
C PRO B 40 -1.94 3.12 -0.16
N GLY B 41 -0.89 2.48 0.34
CA GLY B 41 -0.57 2.56 1.75
C GLY B 41 -0.05 3.93 2.15
N SER B 42 0.15 4.09 3.46
CA SER B 42 0.64 5.34 4.01
C SER B 42 2.16 5.39 3.98
N THR B 43 2.69 6.61 3.91
CA THR B 43 4.13 6.82 3.86
C THR B 43 4.67 7.59 5.06
N LYS B 44 3.81 8.16 5.90
CA LYS B 44 4.24 8.88 7.09
C LYS B 44 3.98 8.01 8.32
N PRO B 45 4.99 7.68 9.11
CA PRO B 45 4.76 6.84 10.30
C PRO B 45 3.81 7.53 11.28
N GLY B 46 2.79 6.79 11.70
CA GLY B 46 1.79 7.33 12.59
C GLY B 46 0.47 7.60 11.89
N SER B 47 0.53 8.09 10.66
CA SER B 47 -0.66 8.38 9.88
C SER B 47 -1.23 7.09 9.33
N CYS B 48 -2.46 6.75 9.72
CA CYS B 48 -3.10 5.50 9.37
C CYS B 48 -4.19 5.72 8.33
N VAL B 49 -4.32 4.78 7.42
CA VAL B 49 -5.40 4.77 6.44
C VAL B 49 -6.57 3.98 7.01
N ARG B 50 -7.76 4.57 6.97
CA ARG B 50 -8.95 3.96 7.56
C ARG B 50 -10.18 4.35 6.74
N LEU B 51 -11.33 3.89 7.20
CA LEU B 51 -12.66 4.18 6.65
C LEU B 51 -12.69 4.05 5.13
N PRO B 52 -12.62 2.82 4.61
CA PRO B 52 -12.71 2.65 3.15
C PRO B 52 -14.14 2.74 2.67
N SER B 53 -14.32 3.35 1.50
CA SER B 53 -15.63 3.48 0.88
C SER B 53 -15.49 3.14 -0.59
N PHE B 54 -16.20 2.09 -1.04
CA PHE B 54 -16.09 1.60 -2.40
C PHE B 54 -17.47 1.52 -3.02
N SER B 55 -17.62 2.09 -4.21
CA SER B 55 -18.87 2.07 -4.95
C SER B 55 -18.61 1.62 -6.38
N LEU B 56 -19.52 0.82 -6.93
CA LEU B 56 -19.40 0.28 -8.28
C LEU B 56 -20.68 0.55 -9.04
N SER B 57 -20.57 1.27 -10.16
CA SER B 57 -21.70 1.59 -11.01
C SER B 57 -21.59 0.81 -12.31
N THR B 58 -22.48 1.13 -13.26
CA THR B 58 -22.49 0.45 -14.56
C THR B 58 -21.48 1.06 -15.53
N THR B 59 -20.66 2.02 -15.10
CA THR B 59 -19.70 2.65 -15.99
C THR B 59 -18.29 2.60 -15.40
N VAL B 60 -18.13 3.17 -14.20
CA VAL B 60 -16.84 3.20 -13.51
C VAL B 60 -17.05 2.88 -12.04
N PHE B 61 -15.94 2.72 -11.32
CA PHE B 61 -15.98 2.55 -9.88
C PHE B 61 -15.18 3.67 -9.21
N ALA B 62 -15.44 3.86 -7.92
CA ALA B 62 -14.80 4.92 -7.15
C ALA B 62 -14.42 4.40 -5.78
N TYR B 63 -13.31 4.91 -5.26
CA TYR B 63 -12.79 4.50 -3.96
C TYR B 63 -12.30 5.71 -3.21
N THR B 64 -12.36 5.63 -1.88
CA THR B 64 -11.96 6.73 -1.01
C THR B 64 -11.54 6.17 0.33
N HIS B 65 -10.41 6.63 0.85
CA HIS B 65 -10.00 6.27 2.20
C HIS B 65 -9.43 7.48 2.92
N THR B 66 -9.69 7.54 4.23
CA THR B 66 -9.30 8.69 5.05
C THR B 66 -7.97 8.42 5.72
N ILE B 67 -7.05 9.38 5.63
CA ILE B 67 -5.73 9.26 6.23
C ILE B 67 -5.74 10.07 7.52
N MET B 68 -5.94 9.39 8.64
CA MET B 68 -5.92 10.04 9.95
C MET B 68 -4.48 10.16 10.43
N GLY B 69 -4.00 11.39 10.59
CA GLY B 69 -2.64 11.66 10.97
C GLY B 69 -2.47 11.84 12.47
N HIS B 70 -1.24 12.21 12.86
CA HIS B 70 -0.86 12.44 14.25
C HIS B 70 -1.13 11.20 15.10
N GLY B 71 -0.50 10.10 14.70
CA GLY B 71 -0.63 8.85 15.43
C GLY B 71 -2.00 8.22 15.34
N CYS B 72 -2.60 8.21 14.14
CA CYS B 72 -3.90 7.59 13.90
C CYS B 72 -4.98 8.21 14.79
N SER B 73 -5.02 9.54 14.80
CA SER B 73 -5.96 10.30 15.61
C SER B 73 -7.09 10.83 14.73
N GLU B 74 -8.31 10.83 15.29
CA GLU B 74 -9.48 11.35 14.57
C GLU B 74 -9.60 12.86 14.65
N LEU B 75 -8.55 13.57 15.05
CA LEU B 75 -8.56 15.03 15.07
C LEU B 75 -7.74 15.64 13.96
N ASP B 76 -6.89 14.87 13.28
CA ASP B 76 -6.14 15.32 12.11
C ASP B 76 -6.69 14.56 10.91
N VAL B 77 -7.89 14.98 10.46
CA VAL B 77 -8.60 14.27 9.40
C VAL B 77 -8.82 15.22 8.23
N GLY B 78 -7.74 15.69 7.62
CA GLY B 78 -7.84 16.57 6.48
C GLY B 78 -7.19 16.00 5.23
N ASP B 79 -6.53 14.85 5.38
CA ASP B 79 -5.81 14.20 4.31
C ASP B 79 -6.60 12.97 3.88
N HIS B 80 -7.07 12.97 2.63
CA HIS B 80 -7.90 11.89 2.12
C HIS B 80 -7.38 11.45 0.75
N TYR B 81 -7.77 10.24 0.35
CA TYR B 81 -7.46 9.72 -0.98
C TYR B 81 -8.77 9.41 -1.69
N PHE B 82 -8.98 10.05 -2.83
CA PHE B 82 -10.17 9.90 -3.66
C PHE B 82 -9.71 9.48 -5.05
N SER B 83 -10.23 8.34 -5.54
CA SER B 83 -9.81 7.81 -6.83
C SER B 83 -11.02 7.31 -7.60
N VAL B 84 -10.95 7.44 -8.92
CA VAL B 84 -11.95 6.89 -9.83
C VAL B 84 -11.22 6.01 -10.84
N GLY B 85 -11.76 4.81 -11.07
CA GLY B 85 -11.16 3.88 -11.99
C GLY B 85 -12.18 2.99 -12.65
N ARG B 86 -11.71 1.93 -13.31
CA ARG B 86 -12.60 1.01 -14.01
C ARG B 86 -11.96 -0.37 -14.06
N ILE B 87 -12.81 -1.39 -14.03
CA ILE B 87 -12.35 -2.75 -14.27
C ILE B 87 -11.98 -2.91 -15.74
N ALA B 88 -11.11 -3.88 -16.02
CA ALA B 88 -10.61 -4.04 -17.37
C ALA B 88 -10.26 -5.50 -17.64
N ASP B 89 -10.17 -5.83 -18.92
CA ASP B 89 -9.74 -7.15 -19.37
C ASP B 89 -8.28 -7.06 -19.78
N ALA B 90 -7.47 -8.00 -19.28
CA ALA B 90 -6.06 -8.06 -19.60
C ALA B 90 -5.69 -9.30 -20.40
N GLY B 91 -6.67 -9.94 -21.03
CA GLY B 91 -6.44 -11.17 -21.75
C GLY B 91 -6.62 -12.43 -20.94
N HIS B 92 -7.23 -12.35 -19.77
CA HIS B 92 -7.42 -13.50 -18.90
C HIS B 92 -8.79 -13.38 -18.23
N GLU B 93 -9.20 -14.47 -17.58
CA GLU B 93 -10.47 -14.50 -16.88
C GLU B 93 -10.45 -13.76 -15.55
N ILE B 94 -9.35 -13.12 -15.21
CA ILE B 94 -9.20 -12.39 -13.96
C ILE B 94 -9.52 -10.92 -14.21
N PRO B 95 -10.51 -10.34 -13.53
CA PRO B 95 -10.76 -8.91 -13.69
C PRO B 95 -9.64 -8.08 -13.10
N GLN B 96 -9.13 -7.13 -13.88
CA GLN B 96 -8.01 -6.29 -13.48
C GLN B 96 -8.52 -4.89 -13.17
N PHE B 97 -8.51 -4.52 -11.89
CA PHE B 97 -8.90 -3.19 -11.49
C PHE B 97 -7.84 -2.18 -11.94
N GLU B 98 -8.30 -1.08 -12.55
CA GLU B 98 -7.42 -0.06 -13.08
C GLU B 98 -7.84 1.30 -12.53
N THR B 99 -6.88 2.05 -12.01
CA THR B 99 -7.11 3.40 -11.51
C THR B 99 -6.72 4.40 -12.60
N ILE B 100 -7.70 5.16 -13.10
CA ILE B 100 -7.47 6.09 -14.19
C ILE B 100 -7.22 7.51 -13.67
N SER B 101 -8.02 7.98 -12.71
CA SER B 101 -7.80 9.30 -12.14
C SER B 101 -7.80 9.20 -10.62
N SER B 102 -7.00 10.04 -9.98
CA SER B 102 -6.91 10.06 -8.53
C SER B 102 -6.75 11.50 -8.05
N TRP B 103 -7.48 11.83 -6.99
CA TRP B 103 -7.47 13.17 -6.40
C TRP B 103 -7.07 13.03 -4.93
N PHE B 104 -5.79 13.24 -4.64
CA PHE B 104 -5.26 13.12 -3.29
C PHE B 104 -5.48 14.45 -2.57
N ILE B 105 -6.50 14.50 -1.71
CA ILE B 105 -6.79 15.70 -0.94
C ILE B 105 -5.77 15.82 0.18
N ASN B 106 -5.20 17.03 0.33
CA ASN B 106 -4.20 17.29 1.37
C ASN B 106 -4.39 18.66 1.99
N ASP B 107 -5.62 19.18 2.02
CA ASP B 107 -5.86 20.47 2.64
C ASP B 107 -5.86 20.33 4.16
N LYS B 108 -5.99 21.47 4.83
CA LYS B 108 -5.91 21.52 6.28
C LYS B 108 -7.26 21.35 6.96
N ILE B 109 -8.36 21.61 6.26
CA ILE B 109 -9.68 21.53 6.88
C ILE B 109 -10.03 20.06 7.12
N ASN B 110 -10.64 19.79 8.26
CA ASN B 110 -10.94 18.42 8.66
C ASN B 110 -12.26 17.96 8.04
N ARG B 111 -12.20 16.92 7.20
CA ARG B 111 -13.38 16.32 6.58
C ARG B 111 -13.53 14.90 7.09
N ARG B 112 -14.65 14.62 7.74
CA ARG B 112 -14.90 13.32 8.35
C ARG B 112 -16.04 12.59 7.65
N SER B 113 -16.01 11.27 7.76
CA SER B 113 -17.05 10.39 7.22
C SER B 113 -17.26 10.62 5.73
N CYS B 114 -16.18 10.45 4.98
CA CYS B 114 -16.22 10.66 3.53
C CYS B 114 -16.78 9.41 2.86
N THR B 115 -17.97 9.54 2.28
CA THR B 115 -18.58 8.48 1.50
C THR B 115 -18.46 8.78 0.01
N VAL B 116 -18.63 7.74 -0.80
CA VAL B 116 -18.43 7.87 -2.24
C VAL B 116 -19.65 7.33 -2.96
N ALA B 117 -19.88 7.85 -4.16
CA ALA B 117 -20.95 7.40 -5.05
C ALA B 117 -20.40 7.40 -6.46
N ALA B 118 -20.27 6.21 -7.05
CA ALA B 118 -19.79 6.08 -8.41
C ALA B 118 -20.94 6.31 -9.40
N GLY B 119 -20.73 7.21 -10.34
CA GLY B 119 -21.76 7.53 -11.31
C GLY B 119 -21.37 7.19 -12.72
N ALA B 120 -21.99 7.87 -13.69
CA ALA B 120 -21.72 7.63 -15.11
C ALA B 120 -20.40 8.30 -15.46
N MET B 121 -19.32 7.51 -15.45
CA MET B 121 -17.97 8.00 -15.76
C MET B 121 -17.56 9.18 -14.88
N GLU B 122 -18.02 9.18 -13.63
CA GLU B 122 -17.72 10.24 -12.69
C GLU B 122 -18.01 9.72 -11.29
N ALA B 123 -17.62 10.50 -10.29
CA ALA B 123 -17.83 10.10 -8.91
C ALA B 123 -18.04 11.32 -8.03
N TRP B 124 -18.91 11.17 -7.03
CA TRP B 124 -19.21 12.22 -6.07
C TRP B 124 -18.82 11.74 -4.67
N MET B 125 -18.16 12.60 -3.92
CA MET B 125 -17.75 12.29 -2.56
C MET B 125 -18.44 13.23 -1.58
N GLY B 126 -19.09 12.66 -0.58
CA GLY B 126 -19.73 13.45 0.45
C GLY B 126 -19.01 13.36 1.79
N CYS B 127 -18.45 14.47 2.24
CA CYS B 127 -17.83 14.55 3.56
C CYS B 127 -18.52 15.63 4.36
N VAL B 128 -18.25 15.66 5.67
CA VAL B 128 -18.75 16.71 6.54
C VAL B 128 -17.57 17.34 7.26
N ILE B 129 -17.76 18.60 7.67
CA ILE B 129 -16.75 19.35 8.41
C ILE B 129 -17.40 19.89 9.68
N MET B 130 -16.90 19.45 10.83
CA MET B 130 -17.42 19.89 12.12
C MET B 130 -16.58 20.97 12.77
N THR B 131 -15.37 21.22 12.26
CA THR B 131 -14.51 22.24 12.84
C THR B 131 -15.05 23.63 12.54
N GLU B 132 -14.96 24.52 13.52
CA GLU B 132 -15.46 25.88 13.37
C GLU B 132 -14.47 26.85 13.99
N THR B 133 -14.34 28.03 13.38
CA THR B 133 -13.39 29.02 13.85
C THR B 133 -13.92 29.83 15.03
N PHE B 134 -15.22 30.01 15.13
CA PHE B 134 -15.83 30.74 16.23
C PHE B 134 -16.55 29.78 17.18
N TYR B 135 -16.86 30.29 18.37
CA TYR B 135 -17.53 29.50 19.39
C TYR B 135 -18.52 30.38 20.14
N ASP B 136 -19.65 29.79 20.51
CA ASP B 136 -20.69 30.49 21.27
C ASP B 136 -21.17 29.57 22.37
N ASP B 137 -21.06 30.02 23.63
CA ASP B 137 -21.55 29.23 24.75
C ASP B 137 -23.06 29.03 24.67
N ARG B 138 -23.77 30.02 24.14
CA ARG B 138 -25.20 29.86 23.91
C ARG B 138 -25.44 28.85 22.81
N ASN B 139 -26.64 28.26 22.80
CA ASN B 139 -26.98 27.27 21.80
C ASN B 139 -26.90 27.87 20.41
N SER B 140 -26.05 27.30 19.56
CA SER B 140 -25.84 27.79 18.21
C SER B 140 -25.38 26.62 17.34
N LEU B 141 -26.34 25.89 16.79
CA LEU B 141 -26.04 24.75 15.93
C LEU B 141 -25.29 25.21 14.70
N ASP B 142 -24.01 24.85 14.61
CA ASP B 142 -23.18 25.24 13.48
C ASP B 142 -23.66 24.57 12.21
N THR B 143 -23.40 25.23 11.08
CA THR B 143 -23.71 24.64 9.78
C THR B 143 -22.98 23.31 9.64
N GLY B 144 -23.70 22.32 9.12
CA GLY B 144 -23.10 21.00 8.91
C GLY B 144 -21.83 21.07 8.09
N LYS B 145 -21.74 22.05 7.20
CA LYS B 145 -20.56 22.28 6.36
C LYS B 145 -20.12 20.99 5.68
N LEU B 146 -21.03 20.40 4.92
CA LEU B 146 -20.70 19.21 4.17
C LEU B 146 -20.16 19.62 2.81
N THR B 147 -19.14 18.88 2.37
CA THR B 147 -18.47 19.15 1.11
C THR B 147 -18.76 18.03 0.14
N ILE B 148 -19.19 18.40 -1.06
CA ILE B 148 -19.45 17.47 -2.15
C ILE B 148 -18.36 17.67 -3.19
N SER B 149 -17.54 16.64 -3.38
CA SER B 149 -16.46 16.62 -4.35
C SER B 149 -16.88 15.85 -5.59
N TYR B 150 -16.25 16.18 -6.71
CA TYR B 150 -16.64 15.67 -8.01
C TYR B 150 -15.37 15.36 -8.79
N LEU B 151 -15.17 14.09 -9.10
CA LEU B 151 -13.96 13.62 -9.80
C LEU B 151 -14.37 12.82 -11.03
N ASP B 152 -13.85 13.20 -12.19
CA ASP B 152 -14.15 12.54 -13.45
C ASP B 152 -12.95 11.75 -13.93
N VAL B 153 -13.20 10.90 -14.93
CA VAL B 153 -12.16 10.07 -15.51
C VAL B 153 -11.16 10.86 -16.35
N PHE B 154 -11.44 12.14 -16.59
CA PHE B 154 -10.58 12.98 -17.40
C PHE B 154 -9.63 13.83 -16.57
N GLY B 155 -9.61 13.64 -15.26
CA GLY B 155 -8.80 14.47 -14.39
C GLY B 155 -9.49 15.69 -13.83
N ARG B 156 -10.79 15.86 -14.09
CA ARG B 156 -11.52 17.02 -13.60
C ARG B 156 -11.78 16.88 -12.11
N LYS B 157 -11.50 17.94 -11.36
CA LYS B 157 -11.67 17.96 -9.91
C LYS B 157 -12.42 19.22 -9.52
N LYS B 158 -13.63 19.06 -8.97
CA LYS B 158 -14.41 20.18 -8.50
C LYS B 158 -14.92 19.87 -7.10
N GLU B 159 -15.31 20.90 -6.36
CA GLU B 159 -15.80 20.70 -5.00
C GLU B 159 -16.65 21.89 -4.58
N TRP B 160 -17.65 21.60 -3.75
CA TRP B 160 -18.51 22.63 -3.17
C TRP B 160 -18.62 22.42 -1.68
N ILE B 161 -18.56 23.52 -0.93
CA ILE B 161 -18.72 23.52 0.52
C ILE B 161 -20.06 24.15 0.83
N TYR B 162 -20.96 23.39 1.43
CA TYR B 162 -22.31 23.87 1.72
C TYR B 162 -22.42 24.33 3.16
N THR B 163 -23.54 24.97 3.47
CA THR B 163 -23.89 25.35 4.83
C THR B 163 -25.23 24.70 5.20
N ARG B 164 -25.69 24.98 6.41
CA ARG B 164 -26.94 24.38 6.87
C ARG B 164 -28.15 24.99 6.16
N SER B 165 -28.06 26.26 5.78
CA SER B 165 -29.20 26.94 5.17
C SER B 165 -29.42 26.52 3.72
N GLU B 166 -28.34 26.25 2.98
CA GLU B 166 -28.47 25.91 1.58
C GLU B 166 -29.17 24.57 1.38
N ILE B 167 -29.01 23.65 2.33
CA ILE B 167 -29.54 22.30 2.22
C ILE B 167 -30.99 22.29 2.70
N LEU B 168 -31.83 21.57 1.98
CA LEU B 168 -33.26 21.46 2.30
C LEU B 168 -33.44 20.30 3.27
N TYR B 169 -33.62 20.61 4.54
CA TYR B 169 -33.89 19.61 5.57
C TYR B 169 -35.38 19.58 5.88
N ASP B 170 -35.96 18.38 5.86
CA ASP B 170 -37.35 18.23 6.28
C ASP B 170 -37.50 18.41 7.78
N TYR B 171 -36.47 18.05 8.55
CA TYR B 171 -36.46 18.25 9.99
C TYR B 171 -35.10 18.78 10.40
N THR B 172 -35.07 19.55 11.47
CA THR B 172 -33.84 20.19 11.93
C THR B 172 -32.95 19.17 12.64
N TYR B 173 -31.76 18.95 12.10
CA TYR B 173 -30.78 18.07 12.70
C TYR B 173 -29.85 18.85 13.63
N THR B 174 -29.32 18.15 14.64
CA THR B 174 -28.28 18.71 15.49
C THR B 174 -26.90 18.47 14.90
N SER B 175 -26.67 17.30 14.32
CA SER B 175 -25.42 16.98 13.65
C SER B 175 -25.71 16.01 12.52
N VAL B 176 -25.01 16.18 11.40
CA VAL B 176 -25.22 15.37 10.20
C VAL B 176 -23.89 14.72 9.84
N TYR B 177 -23.90 13.40 9.72
CA TYR B 177 -22.74 12.62 9.31
C TYR B 177 -23.10 11.76 8.11
N PHE B 178 -22.20 11.70 7.14
CA PHE B 178 -22.37 10.81 6.00
C PHE B 178 -22.05 9.37 6.42
N SER B 179 -22.90 8.43 6.02
CA SER B 179 -22.61 7.03 6.27
C SER B 179 -21.43 6.59 5.43
N VAL B 180 -20.44 5.96 6.07
CA VAL B 180 -19.22 5.59 5.37
C VAL B 180 -19.51 4.65 4.21
N GLY B 181 -20.62 3.92 4.28
CA GLY B 181 -21.01 3.07 3.16
C GLY B 181 -21.25 3.88 1.90
N SER B 182 -21.11 3.23 0.76
CA SER B 182 -21.15 3.92 -0.52
C SER B 182 -22.55 4.44 -0.83
N GLY B 183 -22.61 5.61 -1.46
CA GLY B 183 -23.84 6.13 -2.01
C GLY B 183 -24.18 5.46 -3.31
N VAL B 184 -25.16 6.03 -4.01
CA VAL B 184 -25.59 5.44 -5.29
C VAL B 184 -26.18 6.53 -6.16
N VAL B 185 -25.96 6.40 -7.47
CA VAL B 185 -26.46 7.35 -8.46
C VAL B 185 -27.43 6.60 -9.37
N VAL B 186 -28.66 7.10 -9.47
CA VAL B 186 -29.67 6.51 -10.35
C VAL B 186 -30.25 7.61 -11.21
N GLY B 187 -30.38 7.35 -12.50
CA GLY B 187 -30.87 8.36 -13.42
C GLY B 187 -29.98 9.58 -13.40
N ASP B 188 -30.55 10.71 -12.99
CA ASP B 188 -29.83 11.97 -12.87
C ASP B 188 -29.62 12.39 -11.43
N THR B 189 -30.02 11.55 -10.47
CA THR B 189 -29.99 11.90 -9.05
C THR B 189 -28.96 11.06 -8.31
N VAL B 190 -28.08 11.73 -7.58
CA VAL B 190 -27.16 11.09 -6.66
C VAL B 190 -27.80 11.10 -5.28
N TYR B 191 -27.92 9.91 -4.69
CA TYR B 191 -28.44 9.72 -3.35
C TYR B 191 -27.34 9.22 -2.43
N PHE B 192 -27.15 9.91 -1.32
CA PHE B 192 -26.26 9.50 -0.25
C PHE B 192 -27.07 9.15 0.98
N LEU B 193 -26.52 8.28 1.82
CA LEU B 193 -27.14 7.87 3.07
C LEU B 193 -26.47 8.63 4.21
N ILE B 194 -27.26 9.34 5.00
CA ILE B 194 -26.74 10.10 6.12
C ILE B 194 -27.43 9.62 7.40
N TRP B 195 -26.79 9.90 8.54
CA TRP B 195 -27.32 9.55 9.84
C TRP B 195 -26.96 10.65 10.82
N GLY B 196 -27.90 10.97 11.72
CA GLY B 196 -27.63 12.02 12.67
C GLY B 196 -28.72 12.13 13.70
N SER B 197 -28.44 12.95 14.71
CA SER B 197 -29.40 13.20 15.79
C SER B 197 -30.31 14.36 15.41
N LEU B 198 -31.57 14.25 15.83
CA LEU B 198 -32.54 15.33 15.62
C LEU B 198 -32.68 16.15 16.89
N SER B 199 -32.92 17.45 16.71
CA SER B 199 -33.06 18.34 17.86
C SER B 199 -34.27 17.98 18.70
N SER B 200 -35.36 17.59 18.05
CA SER B 200 -36.60 17.22 18.72
C SER B 200 -37.07 15.87 18.22
N PRO B 201 -37.79 15.11 19.05
CA PRO B 201 -38.29 13.81 18.62
C PRO B 201 -39.44 13.96 17.62
N ILE B 202 -39.76 12.85 16.96
CA ILE B 202 -40.83 12.85 15.97
C ILE B 202 -41.92 11.86 16.40
N GLU B 203 -41.77 10.60 16.00
CA GLU B 203 -42.82 9.61 16.23
C GLU B 203 -42.77 9.02 17.64
N GLU B 204 -41.59 8.99 18.25
CA GLU B 204 -41.38 8.37 19.56
C GLU B 204 -41.77 6.89 19.59
N THR B 205 -41.94 6.28 18.43
CA THR B 205 -42.27 4.86 18.31
C THR B 205 -41.11 4.19 17.57
N ALA B 206 -40.22 3.55 18.33
CA ALA B 206 -39.04 2.94 17.74
C ALA B 206 -39.43 1.71 16.92
N TYR B 207 -38.44 1.21 16.17
CA TYR B 207 -38.59 -0.01 15.38
C TYR B 207 -39.20 -1.13 16.20
N CYS B 208 -38.57 -1.46 17.33
CA CYS B 208 -39.15 -2.32 18.36
C CYS B 208 -39.58 -3.67 17.81
N PHE B 209 -38.82 -4.19 16.85
CA PHE B 209 -39.03 -5.54 16.33
C PHE B 209 -37.89 -6.39 16.90
N ALA B 210 -38.16 -7.03 18.04
CA ALA B 210 -37.15 -7.84 18.69
C ALA B 210 -36.89 -9.11 17.89
N PRO B 211 -35.65 -9.39 17.49
CA PRO B 211 -35.38 -10.60 16.70
C PRO B 211 -35.61 -11.88 17.50
N ASP B 212 -34.92 -12.02 18.63
CA ASP B 212 -35.01 -13.22 19.45
C ASP B 212 -34.93 -12.85 20.93
N CYS B 213 -35.67 -11.83 21.33
CA CYS B 213 -35.70 -11.38 22.72
C CYS B 213 -36.94 -11.94 23.42
N SER B 214 -36.73 -12.52 24.59
CA SER B 214 -37.85 -13.13 25.32
C SER B 214 -38.64 -12.09 26.10
N ASN B 215 -37.97 -11.09 26.67
CA ASN B 215 -38.63 -10.06 27.48
C ASN B 215 -38.15 -8.70 27.03
N TYR B 216 -39.05 -7.92 26.42
CA TYR B 216 -38.75 -6.57 26.00
C TYR B 216 -40.02 -5.75 26.04
N ASN B 217 -39.86 -4.43 26.12
CA ASN B 217 -40.99 -3.51 26.15
C ASN B 217 -40.72 -2.33 25.22
N GLN B 218 -41.77 -1.54 24.99
CA GLN B 218 -41.68 -0.41 24.07
C GLN B 218 -40.78 0.69 24.64
N ARG B 219 -40.82 0.89 25.96
CA ARG B 219 -39.99 1.90 26.58
C ARG B 219 -38.51 1.63 26.34
N MET B 220 -38.10 0.36 26.44
CA MET B 220 -36.72 0.01 26.12
C MET B 220 -36.37 0.37 24.69
N CYS B 221 -37.31 0.14 23.76
CA CYS B 221 -37.07 0.46 22.36
C CYS B 221 -36.85 1.97 22.17
N ASN B 222 -37.81 2.79 22.60
CA ASN B 222 -37.67 4.21 22.38
C ASN B 222 -36.56 4.83 23.22
N GLU B 223 -36.12 4.15 24.28
CA GLU B 223 -34.97 4.61 25.05
C GLU B 223 -33.66 4.30 24.32
N ALA B 224 -33.58 3.11 23.72
CA ALA B 224 -32.41 2.79 22.92
C ALA B 224 -32.33 3.66 21.67
N GLN B 225 -33.46 4.11 21.15
CA GLN B 225 -33.44 5.01 19.99
C GLN B 225 -32.79 6.35 20.33
N ARG B 226 -32.96 6.82 21.58
CA ARG B 226 -32.34 8.05 22.06
C ARG B 226 -31.35 7.69 23.15
N PRO B 227 -30.12 7.32 22.82
CA PRO B 227 -29.18 6.82 23.83
C PRO B 227 -28.74 7.94 24.77
N SER B 228 -28.08 7.53 25.86
CA SER B 228 -27.53 8.48 26.81
C SER B 228 -26.47 9.37 26.15
N LYS B 229 -25.63 8.76 25.30
CA LYS B 229 -24.73 9.53 24.48
C LYS B 229 -25.52 10.35 23.47
N PHE B 230 -24.84 11.32 22.84
CA PHE B 230 -25.43 12.27 21.89
C PHE B 230 -26.48 13.16 22.53
N GLY B 231 -26.60 13.16 23.85
CA GLY B 231 -27.53 14.04 24.53
C GLY B 231 -28.99 13.62 24.48
N HIS B 232 -29.26 12.32 24.44
CA HIS B 232 -30.63 11.78 24.41
C HIS B 232 -31.41 12.34 23.21
N ARG B 233 -30.76 12.39 22.06
CA ARG B 233 -31.37 12.84 20.82
C ARG B 233 -31.53 11.63 19.90
N GLN B 234 -32.74 11.46 19.35
CA GLN B 234 -33.03 10.28 18.56
C GLN B 234 -32.15 10.22 17.32
N MET B 235 -31.37 9.14 17.21
CA MET B 235 -30.47 8.95 16.08
C MET B 235 -31.28 8.40 14.90
N VAL B 236 -31.52 9.24 13.91
CA VAL B 236 -32.35 8.90 12.77
C VAL B 236 -31.47 8.84 11.52
N ASN B 237 -32.02 8.23 10.47
CA ASN B 237 -31.35 8.08 9.19
C ASN B 237 -32.09 8.88 8.12
N GLY B 238 -31.33 9.33 7.11
CA GLY B 238 -31.91 10.16 6.07
C GLY B 238 -31.21 9.97 4.74
N ILE B 239 -31.83 10.53 3.70
CA ILE B 239 -31.36 10.42 2.33
C ILE B 239 -31.06 11.81 1.81
N LEU B 240 -29.81 12.04 1.40
CA LEU B 240 -29.42 13.27 0.74
C LEU B 240 -29.52 13.08 -0.76
N LYS B 241 -30.28 13.95 -1.42
CA LYS B 241 -30.51 13.86 -2.86
C LYS B 241 -30.03 15.13 -3.53
N PHE B 242 -29.25 14.97 -4.61
CA PHE B 242 -28.91 16.11 -5.44
C PHE B 242 -28.69 15.64 -6.87
N LYS B 243 -29.12 16.45 -7.83
CA LYS B 243 -29.11 16.04 -9.23
C LYS B 243 -27.77 16.38 -9.89
N THR B 244 -27.26 15.43 -10.68
CA THR B 244 -25.99 15.63 -11.37
C THR B 244 -26.10 16.56 -12.56
N THR B 245 -27.32 16.75 -13.10
CA THR B 245 -27.52 17.62 -14.25
C THR B 245 -27.64 19.10 -13.87
N SER B 246 -27.35 19.45 -12.63
CA SER B 246 -27.45 20.84 -12.19
C SER B 246 -26.20 21.62 -12.56
N THR B 247 -26.40 22.91 -12.83
CA THR B 247 -25.30 23.79 -13.21
C THR B 247 -24.64 24.36 -11.98
N GLY B 248 -23.31 24.37 -11.98
CA GLY B 248 -22.58 25.01 -10.90
C GLY B 248 -22.74 24.20 -9.63
N LYS B 249 -23.25 24.87 -8.59
CA LYS B 249 -23.41 24.23 -7.29
C LYS B 249 -24.72 23.47 -7.25
N PRO B 250 -24.70 22.15 -7.06
CA PRO B 250 -25.95 21.38 -7.02
C PRO B 250 -26.80 21.76 -5.82
N LEU B 251 -28.12 21.64 -6.01
CA LEU B 251 -29.08 21.87 -4.95
C LEU B 251 -29.31 20.58 -4.18
N LEU B 252 -29.28 20.68 -2.85
CA LEU B 252 -29.34 19.51 -1.97
C LEU B 252 -30.67 19.46 -1.24
N SER B 253 -31.23 18.26 -1.12
CA SER B 253 -32.42 18.04 -0.32
C SER B 253 -32.19 16.86 0.61
N VAL B 254 -32.87 16.85 1.74
CA VAL B 254 -32.72 15.80 2.74
C VAL B 254 -34.10 15.27 3.11
N GLY B 255 -34.29 13.97 2.92
CA GLY B 255 -35.50 13.30 3.36
C GLY B 255 -35.24 12.36 4.51
N THR B 256 -35.81 12.64 5.67
CA THR B 256 -35.56 11.86 6.87
C THR B 256 -36.49 10.65 6.92
N LEU B 257 -35.91 9.46 7.05
CA LEU B 257 -36.69 8.25 7.22
C LEU B 257 -37.39 8.26 8.56
N SER B 258 -38.62 7.75 8.59
CA SER B 258 -39.39 7.77 9.82
C SER B 258 -38.73 6.89 10.88
N PRO B 259 -38.63 7.37 12.13
CA PRO B 259 -38.00 6.56 13.18
C PRO B 259 -38.70 5.24 13.46
N SER B 260 -39.89 5.02 12.90
CA SER B 260 -40.61 3.77 13.16
C SER B 260 -40.00 2.61 12.38
N VAL B 261 -39.33 2.88 11.26
CA VAL B 261 -38.80 1.81 10.42
C VAL B 261 -37.30 1.66 10.63
N VAL B 262 -36.61 2.74 10.92
CA VAL B 262 -35.17 2.72 11.17
C VAL B 262 -34.95 2.48 12.66
N PRO B 263 -34.27 1.40 13.06
CA PRO B 263 -34.05 1.14 14.48
C PRO B 263 -33.12 2.15 15.13
N PHE B 264 -31.96 2.36 14.51
CA PHE B 264 -30.97 3.29 15.04
C PHE B 264 -30.22 3.93 13.89
N GLY B 265 -30.24 5.25 13.83
CA GLY B 265 -29.56 5.97 12.77
C GLY B 265 -28.05 5.92 12.90
N SER B 266 -27.39 5.20 11.99
CA SER B 266 -25.94 5.09 11.99
C SER B 266 -25.48 4.86 10.56
N GLU B 267 -24.24 4.41 10.41
CA GLU B 267 -23.65 4.21 9.09
C GLU B 267 -24.37 3.10 8.33
N GLY B 268 -24.27 3.17 7.00
CA GLY B 268 -24.92 2.20 6.15
C GLY B 268 -24.53 2.43 4.71
N ARG B 269 -24.96 1.50 3.86
CA ARG B 269 -24.60 1.49 2.45
C ARG B 269 -25.86 1.38 1.59
N LEU B 270 -25.85 2.09 0.46
CA LEU B 270 -26.89 2.01 -0.55
C LEU B 270 -26.33 1.35 -1.79
N MET B 271 -26.99 0.29 -2.25
CA MET B 271 -26.62 -0.36 -3.50
C MET B 271 -27.84 -0.40 -4.40
N TYR B 272 -27.63 -0.31 -5.71
CA TYR B 272 -28.74 -0.35 -6.64
C TYR B 272 -28.39 -1.27 -7.79
N SER B 273 -29.37 -2.04 -8.25
CA SER B 273 -29.16 -2.99 -9.33
C SER B 273 -29.97 -2.58 -10.55
N GLU B 274 -29.29 -2.43 -11.70
CA GLU B 274 -30.00 -2.16 -12.95
C GLU B 274 -30.84 -3.37 -13.38
N ILE B 275 -30.41 -4.57 -13.03
CA ILE B 275 -31.17 -5.77 -13.38
C ILE B 275 -32.47 -5.83 -12.59
N THR B 276 -32.47 -5.34 -11.34
CA THR B 276 -33.63 -5.40 -10.48
C THR B 276 -34.38 -4.09 -10.32
N LYS B 277 -33.75 -2.96 -10.68
CA LYS B 277 -34.32 -1.63 -10.44
C LYS B 277 -34.61 -1.39 -8.97
N ILE B 278 -33.88 -2.08 -8.10
CA ILE B 278 -34.10 -2.04 -6.66
C ILE B 278 -32.86 -1.48 -5.98
N ILE B 279 -33.08 -0.70 -4.92
CA ILE B 279 -32.02 -0.17 -4.07
C ILE B 279 -32.03 -0.98 -2.78
N TYR B 280 -31.07 -1.90 -2.68
CA TYR B 280 -30.83 -2.61 -1.43
C TYR B 280 -30.14 -1.68 -0.44
N LEU B 281 -30.55 -1.77 0.82
CA LEU B 281 -30.09 -0.89 1.88
C LEU B 281 -29.49 -1.73 3.00
N TYR B 282 -28.21 -1.51 3.26
CA TYR B 282 -27.56 -2.08 4.44
C TYR B 282 -27.44 -0.99 5.50
N LEU B 283 -27.66 -1.37 6.76
CA LEU B 283 -27.54 -0.43 7.87
C LEU B 283 -26.68 -1.08 8.96
N ARG B 284 -25.53 -0.49 9.24
CA ARG B 284 -24.68 -0.99 10.31
C ARG B 284 -25.39 -0.86 11.65
N SER B 285 -25.37 -1.96 12.41
CA SER B 285 -26.02 -1.99 13.72
C SER B 285 -25.02 -1.47 14.76
N THR B 286 -25.24 -0.24 15.23
CA THR B 286 -24.45 0.32 16.30
C THR B 286 -25.20 0.34 17.62
N SER B 287 -26.34 -0.35 17.71
CA SER B 287 -27.10 -0.38 18.95
C SER B 287 -27.18 -1.82 19.46
N TRP B 288 -28.40 -2.32 19.67
CA TRP B 288 -28.61 -3.65 20.25
C TRP B 288 -28.95 -4.71 19.21
N HIS B 289 -29.51 -4.33 18.06
CA HIS B 289 -29.93 -5.28 17.04
C HIS B 289 -28.69 -5.77 16.28
N ALA B 290 -27.87 -6.56 16.99
CA ALA B 290 -26.60 -7.04 16.44
C ALA B 290 -26.79 -7.86 15.17
N LEU B 291 -27.96 -8.45 14.96
CA LEU B 291 -28.23 -9.15 13.71
C LEU B 291 -28.20 -8.15 12.55
N PRO B 292 -27.76 -8.58 11.37
CA PRO B 292 -27.58 -7.63 10.26
C PRO B 292 -28.89 -6.95 9.87
N LEU B 293 -28.80 -5.64 9.63
CA LEU B 293 -29.93 -4.83 9.21
C LEU B 293 -29.87 -4.69 7.70
N THR B 294 -30.47 -5.64 7.01
CA THR B 294 -30.62 -5.59 5.56
C THR B 294 -32.06 -5.25 5.21
N GLY B 295 -32.23 -4.56 4.09
CA GLY B 295 -33.58 -4.22 3.66
C GLY B 295 -33.61 -3.82 2.20
N LEU B 296 -34.83 -3.64 1.71
CA LEU B 296 -35.08 -3.15 0.37
C LEU B 296 -35.77 -1.80 0.49
N PHE B 297 -35.14 -0.76 -0.06
CA PHE B 297 -35.65 0.61 0.02
C PHE B 297 -36.37 0.96 -1.28
N VAL B 298 -37.45 1.72 -1.16
CA VAL B 298 -38.27 2.11 -2.30
C VAL B 298 -38.13 3.61 -2.50
N LEU B 299 -37.78 4.02 -3.72
CA LEU B 299 -37.62 5.42 -4.04
C LEU B 299 -38.98 6.07 -4.34
N GLY B 300 -38.98 7.39 -4.40
CA GLY B 300 -40.16 8.14 -4.73
C GLY B 300 -41.17 8.17 -3.62
N PRO B 301 -41.94 9.26 -3.53
CA PRO B 301 -42.98 9.36 -2.50
C PRO B 301 -44.10 8.38 -2.76
N PRO B 302 -44.50 7.60 -1.76
CA PRO B 302 -43.94 7.53 -0.40
C PRO B 302 -42.76 6.56 -0.30
N THR B 303 -41.66 6.98 0.32
CA THR B 303 -40.51 6.11 0.49
C THR B 303 -40.85 4.98 1.46
N SER B 304 -40.53 3.75 1.08
CA SER B 304 -40.87 2.58 1.87
C SER B 304 -39.64 1.70 2.05
N ILE B 305 -39.52 1.12 3.24
CA ILE B 305 -38.42 0.23 3.59
C ILE B 305 -39.01 -1.11 3.99
N SER B 306 -38.43 -2.20 3.49
CA SER B 306 -38.82 -3.55 3.89
C SER B 306 -37.58 -4.22 4.48
N TRP B 307 -37.55 -4.36 5.80
CA TRP B 307 -36.43 -5.01 6.47
C TRP B 307 -36.53 -6.52 6.35
N ILE B 308 -35.39 -7.18 6.22
CA ILE B 308 -35.31 -8.62 6.05
C ILE B 308 -34.48 -9.20 7.18
N VAL B 309 -34.95 -10.30 7.75
CA VAL B 309 -34.29 -10.90 8.91
C VAL B 309 -33.06 -11.68 8.46
N GLN B 310 -31.94 -11.41 9.11
CA GLN B 310 -30.69 -12.12 8.87
C GLN B 310 -30.21 -12.72 10.20
N ARG B 311 -30.10 -14.05 10.24
CA ARG B 311 -29.74 -14.76 11.46
C ARG B 311 -28.53 -15.66 11.25
N ALA B 312 -27.60 -15.25 10.40
CA ALA B 312 -26.43 -16.07 10.11
C ALA B 312 -25.12 -15.49 10.61
N VAL B 313 -25.01 -14.17 10.70
CA VAL B 313 -23.82 -13.50 11.21
C VAL B 313 -24.27 -12.38 12.14
N SER B 314 -23.29 -11.70 12.74
CA SER B 314 -23.56 -10.60 13.65
C SER B 314 -22.30 -9.75 13.78
N ARG B 315 -22.45 -8.62 14.48
CA ARG B 315 -21.36 -7.67 14.66
C ARG B 315 -20.87 -7.70 16.09
N PRO B 316 -19.57 -7.82 16.32
CA PRO B 316 -19.05 -7.81 17.70
C PRO B 316 -19.19 -6.43 18.34
N GLY B 317 -19.41 -6.45 19.65
CA GLY B 317 -19.56 -5.21 20.40
C GLY B 317 -19.35 -5.46 21.88
N GLU B 318 -19.34 -4.36 22.63
CA GLU B 318 -19.13 -4.43 24.06
C GLU B 318 -20.37 -4.94 24.78
N PHE B 319 -20.16 -5.59 25.92
CA PHE B 319 -21.28 -6.00 26.75
C PHE B 319 -21.99 -4.77 27.30
N PRO B 320 -23.33 -4.78 27.39
CA PRO B 320 -24.25 -5.88 27.08
C PRO B 320 -24.73 -5.92 25.63
N CYS B 321 -24.10 -5.19 24.71
CA CYS B 321 -24.59 -5.15 23.34
C CYS B 321 -23.57 -5.67 22.35
N GLY B 322 -23.13 -6.91 22.54
CA GLY B 322 -22.30 -7.60 21.58
C GLY B 322 -23.10 -8.55 20.72
N ALA B 323 -22.39 -9.48 20.09
CA ALA B 323 -23.08 -10.53 19.35
C ALA B 323 -23.90 -11.39 20.31
N SER B 324 -24.88 -12.09 19.75
CA SER B 324 -25.85 -12.93 20.46
C SER B 324 -26.82 -12.12 21.32
N ASN B 325 -26.69 -10.79 21.37
CA ASN B 325 -27.65 -9.97 22.08
C ASN B 325 -28.84 -9.68 21.16
N ARG B 326 -30.05 -9.85 21.71
CA ARG B 326 -31.26 -9.69 20.93
C ARG B 326 -32.30 -8.78 21.57
N CYS B 327 -31.99 -8.17 22.72
CA CYS B 327 -32.97 -7.37 23.43
C CYS B 327 -32.61 -5.88 23.36
N PRO B 328 -33.61 -5.00 23.32
CA PRO B 328 -33.34 -3.56 23.22
C PRO B 328 -32.62 -3.03 24.47
N LYS B 329 -31.47 -2.41 24.26
CA LYS B 329 -30.68 -1.83 25.34
C LYS B 329 -30.09 -0.51 24.89
N ASP B 330 -29.95 0.41 25.83
CA ASP B 330 -29.34 1.71 25.56
C ASP B 330 -27.84 1.51 25.41
N CYS B 331 -27.36 1.54 24.17
CA CYS B 331 -25.95 1.27 23.91
C CYS B 331 -25.58 1.76 22.52
N VAL B 332 -24.33 2.17 22.39
CA VAL B 332 -23.77 2.57 21.09
C VAL B 332 -22.42 1.88 20.87
N THR B 333 -22.42 0.80 20.11
CA THR B 333 -21.20 0.04 19.85
C THR B 333 -21.45 -0.91 18.69
N GLY B 334 -20.36 -1.33 18.05
CA GLY B 334 -20.45 -2.26 16.95
C GLY B 334 -19.32 -2.03 15.96
N VAL B 335 -19.48 -2.60 14.77
CA VAL B 335 -18.50 -2.48 13.69
C VAL B 335 -19.25 -2.51 12.37
N TYR B 336 -18.65 -1.94 11.34
CA TYR B 336 -19.27 -1.87 10.02
C TYR B 336 -18.86 -3.10 9.20
N THR B 337 -19.83 -3.97 8.93
CA THR B 337 -19.64 -5.14 8.08
C THR B 337 -20.86 -5.25 7.17
N ASP B 338 -20.74 -4.73 5.95
CA ASP B 338 -21.86 -4.74 5.02
C ASP B 338 -22.05 -6.12 4.39
N LEU B 339 -23.25 -6.34 3.88
CA LEU B 339 -23.62 -7.61 3.25
C LEU B 339 -24.06 -7.31 1.82
N PHE B 340 -23.28 -7.77 0.84
CA PHE B 340 -23.67 -7.58 -0.54
C PHE B 340 -24.76 -8.58 -0.91
N PRO B 341 -25.90 -8.12 -1.44
CA PRO B 341 -27.00 -9.04 -1.74
C PRO B 341 -26.72 -9.85 -3.01
N LEU B 342 -26.86 -11.17 -2.90
CA LEU B 342 -26.73 -12.08 -4.03
C LEU B 342 -28.07 -12.61 -4.49
N GLY B 343 -29.17 -12.11 -3.94
CA GLY B 343 -30.49 -12.52 -4.36
C GLY B 343 -31.35 -11.31 -4.67
N SER B 344 -32.51 -11.58 -5.27
CA SER B 344 -33.42 -10.49 -5.64
C SER B 344 -33.93 -9.75 -4.42
N ARG B 345 -34.09 -10.44 -3.29
CA ARG B 345 -34.59 -9.86 -2.05
C ARG B 345 -33.73 -10.30 -0.88
N TYR B 346 -32.42 -10.15 -1.02
CA TYR B 346 -31.45 -10.48 0.03
C TYR B 346 -31.59 -11.93 0.50
N GLU B 347 -32.09 -12.81 -0.37
CA GLU B 347 -32.22 -14.22 0.00
C GLU B 347 -30.87 -14.82 0.31
N TYR B 348 -29.85 -14.48 -0.47
CA TYR B 348 -28.48 -14.91 -0.22
C TYR B 348 -27.59 -13.67 -0.24
N ALA B 349 -26.54 -13.70 0.58
CA ALA B 349 -25.67 -12.55 0.71
C ALA B 349 -24.22 -13.02 0.86
N ALA B 350 -23.30 -12.14 0.50
CA ALA B 350 -21.87 -12.37 0.67
C ALA B 350 -21.31 -11.24 1.54
N THR B 351 -20.52 -11.60 2.55
CA THR B 351 -20.02 -10.58 3.46
C THR B 351 -18.70 -11.03 4.06
N VAL B 352 -18.03 -10.09 4.70
CA VAL B 352 -16.80 -10.34 5.46
C VAL B 352 -17.08 -9.86 6.87
N TYR B 353 -17.48 -10.76 7.76
CA TYR B 353 -17.90 -10.41 9.10
C TYR B 353 -16.83 -10.80 10.11
N LEU B 354 -16.88 -10.17 11.28
CA LEU B 354 -15.95 -10.48 12.35
C LEU B 354 -16.55 -11.59 13.22
N ASN B 355 -15.88 -12.74 13.25
CA ASN B 355 -16.46 -13.93 13.85
C ASN B 355 -16.56 -13.81 15.37
N SER B 356 -15.71 -13.00 15.99
CA SER B 356 -15.74 -12.86 17.44
C SER B 356 -17.02 -12.15 17.89
N GLU B 357 -17.34 -12.31 19.18
CA GLU B 357 -18.56 -11.77 19.74
C GLU B 357 -18.38 -10.41 20.38
N THR B 358 -17.23 -10.17 21.02
CA THR B 358 -16.97 -8.91 21.70
C THR B 358 -15.86 -8.12 21.03
N TYR B 359 -14.67 -8.70 20.92
CA TYR B 359 -13.54 -8.00 20.30
C TYR B 359 -13.68 -8.03 18.78
N ARG B 360 -13.36 -6.91 18.15
CA ARG B 360 -13.49 -6.76 16.70
C ARG B 360 -12.28 -7.39 16.01
N VAL B 361 -12.24 -8.72 16.04
CA VAL B 361 -11.15 -9.50 15.49
C VAL B 361 -11.72 -10.64 14.66
N ASN B 362 -10.81 -11.46 14.12
CA ASN B 362 -11.12 -12.64 13.32
C ASN B 362 -12.01 -12.29 12.13
N PRO B 363 -11.47 -11.68 11.07
CA PRO B 363 -12.27 -11.44 9.87
C PRO B 363 -12.48 -12.73 9.10
N THR B 364 -13.73 -12.97 8.70
CA THR B 364 -14.11 -14.23 8.06
C THR B 364 -15.06 -13.91 6.92
N LEU B 365 -14.71 -14.38 5.72
CA LEU B 365 -15.59 -14.28 4.57
C LEU B 365 -16.65 -15.38 4.65
N ALA B 366 -17.89 -15.01 4.32
CA ALA B 366 -19.00 -15.95 4.48
C ALA B 366 -20.13 -15.61 3.51
N LEU B 367 -20.72 -16.66 2.95
CA LEU B 367 -21.96 -16.57 2.18
C LEU B 367 -23.09 -17.08 3.05
N ILE B 368 -24.11 -16.25 3.24
CA ILE B 368 -25.22 -16.58 4.12
C ILE B 368 -26.51 -16.69 3.31
N ASN B 369 -27.47 -17.41 3.87
CA ASN B 369 -28.81 -17.58 3.30
C ASN B 369 -29.85 -17.31 4.38
N GLN B 370 -29.68 -16.21 5.12
CA GLN B 370 -30.57 -15.77 6.20
C GLN B 370 -30.57 -16.74 7.37
N THR B 371 -30.70 -18.04 7.10
CA THR B 371 -30.78 -19.02 8.17
C THR B 371 -29.39 -19.42 8.67
N ASN B 372 -28.53 -19.89 7.77
CA ASN B 372 -27.21 -20.35 8.14
C ASN B 372 -26.14 -19.71 7.28
N ILE B 373 -24.89 -20.17 7.42
CA ILE B 373 -23.78 -19.74 6.57
C ILE B 373 -23.52 -20.85 5.56
N ILE B 374 -23.72 -20.56 4.28
CA ILE B 374 -23.54 -21.58 3.25
C ILE B 374 -22.09 -22.02 3.18
N ALA B 375 -21.17 -21.07 3.10
CA ALA B 375 -19.74 -21.35 3.10
C ALA B 375 -19.03 -20.26 3.88
N SER B 376 -17.79 -20.53 4.26
CA SER B 376 -17.02 -19.59 5.05
C SER B 376 -15.53 -19.76 4.75
N LYS B 377 -14.78 -18.70 5.01
CA LYS B 377 -13.33 -18.72 4.84
C LYS B 377 -12.73 -17.57 5.62
N LYS B 378 -11.76 -17.88 6.48
CA LYS B 378 -11.08 -16.84 7.23
C LYS B 378 -10.15 -16.04 6.32
N VAL B 379 -10.10 -14.73 6.54
CA VAL B 379 -9.27 -13.86 5.71
C VAL B 379 -7.80 -14.21 5.89
N THR B 380 -7.31 -14.12 7.12
CA THR B 380 -5.93 -14.47 7.42
C THR B 380 -5.85 -15.46 8.57
N THR B 381 -5.96 -14.96 9.80
CA THR B 381 -5.88 -15.79 10.99
C THR B 381 -6.99 -15.42 11.96
N GLU B 382 -7.16 -16.26 12.99
CA GLU B 382 -8.19 -16.01 13.98
C GLU B 382 -7.85 -14.81 14.86
N SER B 383 -6.57 -14.60 15.14
CA SER B 383 -6.13 -13.49 15.99
C SER B 383 -5.97 -12.19 15.23
N GLN B 384 -6.36 -12.14 13.96
CA GLN B 384 -6.21 -10.92 13.17
C GLN B 384 -7.22 -9.88 13.62
N ARG B 385 -6.72 -8.68 13.94
CA ARG B 385 -7.60 -7.56 14.25
C ARG B 385 -8.09 -6.91 12.97
N ALA B 386 -9.31 -6.38 13.04
CA ALA B 386 -9.93 -5.79 11.86
C ALA B 386 -10.79 -4.60 12.27
N GLY B 387 -11.29 -3.89 11.26
CA GLY B 387 -12.18 -2.76 11.47
C GLY B 387 -13.35 -2.78 10.52
N TYR B 388 -13.50 -1.72 9.73
CA TYR B 388 -14.59 -1.66 8.76
C TYR B 388 -14.32 -2.61 7.60
N THR B 389 -15.37 -3.26 7.12
CA THR B 389 -15.29 -4.15 5.97
C THR B 389 -16.36 -3.76 4.95
N THR B 390 -15.96 -3.72 3.67
CA THR B 390 -16.89 -3.46 2.58
C THR B 390 -16.69 -4.53 1.52
N THR B 391 -17.79 -4.93 0.87
CA THR B 391 -17.78 -6.01 -0.09
C THR B 391 -18.69 -5.68 -1.25
N THR B 392 -18.20 -5.83 -2.48
CA THR B 392 -18.98 -5.56 -3.68
C THR B 392 -18.68 -6.64 -4.71
N CYS B 393 -19.74 -7.19 -5.30
CA CYS B 393 -19.61 -8.30 -6.24
C CYS B 393 -20.07 -7.87 -7.63
N PHE B 394 -19.46 -8.48 -8.65
CA PHE B 394 -19.75 -8.19 -10.04
C PHE B 394 -19.57 -9.47 -10.85
N VAL B 395 -19.72 -9.36 -12.16
CA VAL B 395 -19.53 -10.50 -13.07
C VAL B 395 -18.54 -10.08 -14.14
N PHE B 396 -17.53 -10.93 -14.38
CA PHE B 396 -16.53 -10.67 -15.41
C PHE B 396 -16.29 -11.96 -16.17
N LYS B 397 -16.50 -11.92 -17.49
CA LYS B 397 -16.33 -13.08 -18.36
C LYS B 397 -17.16 -14.26 -17.88
N LEU B 398 -18.45 -14.00 -17.66
CA LEU B 398 -19.42 -15.02 -17.25
C LEU B 398 -19.00 -15.72 -15.96
N ARG B 399 -18.33 -14.98 -15.07
CA ARG B 399 -17.91 -15.52 -13.78
C ARG B 399 -18.19 -14.49 -12.70
N VAL B 400 -18.68 -14.94 -11.56
CA VAL B 400 -19.04 -14.06 -10.45
C VAL B 400 -17.79 -13.82 -9.61
N TRP B 401 -17.35 -12.57 -9.55
CA TRP B 401 -16.21 -12.16 -8.74
C TRP B 401 -16.67 -11.20 -7.66
N CYS B 402 -15.83 -11.04 -6.63
CA CYS B 402 -16.14 -10.14 -5.53
C CYS B 402 -14.85 -9.51 -5.02
N ILE B 403 -14.92 -8.21 -4.75
CA ILE B 403 -13.82 -7.46 -4.15
C ILE B 403 -14.26 -7.02 -2.76
N SER B 404 -13.44 -7.31 -1.76
CA SER B 404 -13.75 -7.01 -0.37
C SER B 404 -12.58 -6.31 0.27
N VAL B 405 -12.77 -5.06 0.67
CA VAL B 405 -11.74 -4.27 1.33
C VAL B 405 -12.03 -4.28 2.82
N VAL B 406 -11.08 -4.77 3.62
CA VAL B 406 -11.24 -4.84 5.06
C VAL B 406 -10.12 -4.05 5.73
N GLU B 407 -10.47 -3.31 6.78
CA GLU B 407 -9.46 -2.68 7.62
C GLU B 407 -8.75 -3.76 8.42
N LEU B 408 -7.42 -3.71 8.44
CA LEU B 408 -6.62 -4.68 9.16
C LEU B 408 -5.69 -3.97 10.13
N ALA B 409 -5.58 -4.53 11.35
CA ALA B 409 -4.73 -3.98 12.39
C ALA B 409 -3.85 -5.08 12.96
N PRO B 410 -2.57 -4.78 13.22
CA PRO B 410 -1.88 -3.51 12.96
C PRO B 410 -1.42 -3.42 11.51
N SER B 411 -0.55 -2.48 11.20
CA SER B 411 0.03 -2.35 9.87
C SER B 411 1.55 -2.36 9.97
N THR B 412 2.21 -2.03 8.86
CA THR B 412 3.67 -1.99 8.86
C THR B 412 4.19 -0.88 9.75
N MET B 413 3.58 0.31 9.66
CA MET B 413 3.93 1.41 10.54
C MET B 413 2.73 2.21 11.00
N THR B 414 1.52 1.82 10.64
CA THR B 414 0.29 2.50 11.03
C THR B 414 -0.57 1.55 11.87
N ALA B 415 -1.69 2.08 12.37
CA ALA B 415 -2.57 1.27 13.20
C ALA B 415 -3.52 0.43 12.36
N TYR B 416 -4.07 1.01 11.30
CA TYR B 416 -4.99 0.31 10.41
C TYR B 416 -4.57 0.53 8.96
N GLU B 417 -5.01 -0.38 8.10
CA GLU B 417 -4.77 -0.29 6.66
C GLU B 417 -5.81 -1.11 5.90
N PRO B 418 -6.74 -0.46 5.22
CA PRO B 418 -7.73 -1.22 4.44
C PRO B 418 -7.06 -1.89 3.25
N ILE B 419 -7.27 -3.20 3.13
CA ILE B 419 -6.67 -3.98 2.06
C ILE B 419 -7.78 -4.69 1.30
N PRO B 420 -7.73 -4.69 -0.04
CA PRO B 420 -8.75 -5.38 -0.83
C PRO B 420 -8.35 -6.82 -1.16
N PHE B 421 -9.38 -7.63 -1.38
CA PHE B 421 -9.23 -9.03 -1.73
C PHE B 421 -10.18 -9.35 -2.87
N LEU B 422 -9.65 -9.88 -3.96
CA LEU B 422 -10.46 -10.29 -5.10
C LEU B 422 -10.56 -11.81 -5.11
N TYR B 423 -11.80 -12.31 -5.15
CA TYR B 423 -12.03 -13.75 -5.08
C TYR B 423 -13.21 -14.13 -5.96
N GLN B 424 -13.26 -15.40 -6.32
CA GLN B 424 -14.30 -15.94 -7.20
C GLN B 424 -15.31 -16.73 -6.39
N LEU B 425 -16.59 -16.41 -6.58
CA LEU B 425 -17.69 -17.14 -5.94
C LEU B 425 -18.30 -18.05 -7.00
N ASP B 426 -17.92 -19.33 -6.97
CA ASP B 426 -18.46 -20.33 -7.90
C ASP B 426 -19.83 -20.77 -7.40
N LEU B 427 -20.82 -19.90 -7.62
CA LEU B 427 -22.18 -20.17 -7.17
C LEU B 427 -22.76 -21.35 -7.96
N THR B 428 -23.19 -22.38 -7.24
CA THR B 428 -23.76 -23.57 -7.86
C THR B 428 -24.99 -24.00 -7.08
N CYS B 429 -26.11 -24.16 -7.78
CA CYS B 429 -27.36 -24.59 -7.18
C CYS B 429 -27.65 -26.01 -7.67
N LYS B 430 -27.63 -26.97 -6.75
CA LYS B 430 -27.76 -28.38 -7.09
C LYS B 430 -28.97 -28.98 -6.37
N GLY B 431 -29.42 -30.13 -6.87
CA GLY B 431 -30.57 -30.81 -6.32
C GLY B 431 -30.19 -31.92 -5.34
N LYS B 432 -31.22 -32.61 -4.86
CA LYS B 432 -31.01 -33.78 -4.01
C LYS B 432 -30.30 -34.90 -4.75
N ASN B 433 -30.35 -34.88 -6.08
CA ASN B 433 -29.65 -35.85 -6.92
C ASN B 433 -28.13 -35.67 -6.89
N GLY B 434 -27.63 -34.66 -6.18
CA GLY B 434 -26.21 -34.35 -6.17
C GLY B 434 -25.71 -33.65 -7.41
N SER B 435 -26.53 -33.52 -8.45
CA SER B 435 -26.15 -32.88 -9.69
C SER B 435 -26.69 -31.44 -9.72
N LEU B 436 -26.00 -30.59 -10.48
CA LEU B 436 -26.40 -29.20 -10.62
C LEU B 436 -27.79 -29.09 -11.21
N ALA B 437 -28.76 -28.62 -10.42
CA ALA B 437 -30.14 -28.56 -10.87
C ALA B 437 -30.39 -27.42 -11.85
N MET B 438 -29.66 -26.31 -11.72
CA MET B 438 -29.78 -25.20 -12.65
C MET B 438 -28.45 -24.50 -12.78
N ARG B 439 -28.17 -23.98 -13.97
CA ARG B 439 -26.98 -23.21 -14.24
C ARG B 439 -27.36 -21.74 -14.29
N PHE B 440 -26.77 -20.94 -13.39
CA PHE B 440 -27.08 -19.51 -13.36
C PHE B 440 -26.67 -18.85 -14.66
N ALA B 441 -27.56 -18.00 -15.17
CA ALA B 441 -27.36 -17.33 -16.45
C ALA B 441 -27.57 -15.84 -16.30
N GLY B 442 -27.19 -15.09 -17.34
CA GLY B 442 -27.35 -13.66 -17.35
C GLY B 442 -27.57 -13.13 -18.75
N LYS B 443 -27.54 -11.80 -18.91
CA LYS B 443 -27.71 -11.21 -20.23
C LYS B 443 -26.56 -11.58 -21.17
N GLU B 444 -25.32 -11.54 -20.68
CA GLU B 444 -24.19 -11.93 -21.49
C GLU B 444 -24.22 -13.41 -21.83
N GLY B 445 -24.72 -14.23 -20.92
CA GLY B 445 -24.79 -15.66 -21.16
C GLY B 445 -24.88 -16.41 -19.85
N THR B 446 -24.78 -17.73 -19.96
CA THR B 446 -24.81 -18.60 -18.80
C THR B 446 -23.48 -18.53 -18.06
N TYR B 447 -23.52 -18.23 -16.76
CA TYR B 447 -22.32 -18.10 -15.97
C TYR B 447 -21.52 -19.41 -15.98
N LYS B 448 -20.23 -19.31 -16.30
CA LYS B 448 -19.37 -20.48 -16.31
C LYS B 448 -19.11 -20.96 -14.88
N SER B 449 -18.96 -22.27 -14.74
CA SER B 449 -18.70 -22.90 -13.46
C SER B 449 -17.28 -23.47 -13.43
N GLY B 450 -16.69 -23.46 -12.25
CA GLY B 450 -15.34 -23.97 -12.04
C GLY B 450 -14.35 -22.85 -11.81
N ARG B 451 -13.08 -23.23 -11.82
CA ARG B 451 -11.99 -22.29 -11.64
C ARG B 451 -11.70 -21.54 -12.94
N TYR B 452 -11.19 -20.32 -12.81
CA TYR B 452 -10.79 -19.56 -13.99
C TYR B 452 -9.60 -20.19 -14.69
N LYS B 453 -8.82 -21.01 -13.99
CA LYS B 453 -7.66 -21.68 -14.56
C LYS B 453 -7.37 -22.92 -13.74
N SER B 454 -6.79 -23.92 -14.39
CA SER B 454 -6.43 -25.14 -13.68
C SER B 454 -5.32 -24.84 -12.66
N PRO B 455 -5.34 -25.49 -11.50
CA PRO B 455 -4.30 -25.25 -10.49
C PRO B 455 -2.93 -25.63 -11.01
N ARG B 456 -1.93 -24.83 -10.63
CA ARG B 456 -0.56 -25.04 -11.07
C ARG B 456 0.06 -26.19 -10.27
N ASN B 457 0.36 -27.30 -10.96
CA ASN B 457 1.02 -28.46 -10.37
C ASN B 457 2.17 -28.86 -11.29
N GLU B 458 3.24 -28.09 -11.27
CA GLU B 458 4.33 -28.28 -12.22
C GLU B 458 5.62 -28.64 -11.48
N CYS B 459 6.63 -29.00 -12.26
CA CYS B 459 7.95 -29.31 -11.71
C CYS B 459 8.99 -28.88 -12.73
N PHE B 460 10.07 -28.28 -12.24
CA PHE B 460 11.07 -27.71 -13.14
C PHE B 460 12.44 -27.77 -12.49
N PHE B 461 13.44 -27.24 -13.20
CA PHE B 461 14.80 -27.15 -12.70
C PHE B 461 15.16 -25.67 -12.51
N GLU B 462 15.79 -25.36 -11.38
CA GLU B 462 16.07 -23.99 -11.00
C GLU B 462 17.53 -23.88 -10.56
N LYS B 463 18.24 -22.87 -11.07
CA LYS B 463 19.63 -22.66 -10.71
C LYS B 463 19.73 -21.68 -9.56
N VAL B 464 20.29 -22.12 -8.44
CA VAL B 464 20.54 -21.29 -7.28
C VAL B 464 21.98 -21.50 -6.85
N SER B 465 22.72 -20.39 -6.69
CA SER B 465 24.11 -20.43 -6.24
C SER B 465 24.95 -21.37 -7.10
N ASN B 466 24.77 -21.27 -8.42
CA ASN B 466 25.50 -22.08 -9.40
C ASN B 466 25.27 -23.58 -9.22
N LYS B 467 24.09 -23.94 -8.68
CA LYS B 467 23.74 -25.34 -8.51
C LYS B 467 22.29 -25.54 -8.92
N TYR B 468 22.04 -26.55 -9.74
CA TYR B 468 20.68 -26.82 -10.18
C TYR B 468 19.93 -27.64 -9.14
N TYR B 469 18.62 -27.40 -9.05
CA TYR B 469 17.75 -28.10 -8.11
C TYR B 469 16.40 -28.35 -8.75
N PHE B 470 15.90 -29.57 -8.55
CA PHE B 470 14.53 -29.89 -8.91
C PHE B 470 13.58 -29.11 -8.02
N ILE B 471 12.44 -28.71 -8.58
CA ILE B 471 11.46 -27.90 -7.86
C ILE B 471 10.08 -28.48 -8.15
N VAL B 472 9.36 -28.87 -7.10
CA VAL B 472 7.97 -29.30 -7.18
C VAL B 472 7.12 -28.14 -6.71
N SER B 473 6.34 -27.55 -7.63
CA SER B 473 5.45 -26.44 -7.34
C SER B 473 4.01 -26.94 -7.36
N THR B 474 3.39 -26.97 -6.19
CA THR B 474 2.00 -27.34 -5.99
C THR B 474 1.26 -26.17 -5.37
N PRO B 475 -0.08 -26.11 -5.50
CA PRO B 475 -0.82 -25.01 -4.88
C PRO B 475 -0.79 -25.03 -3.36
N GLU B 476 -0.42 -26.16 -2.75
CA GLU B 476 -0.32 -26.26 -1.30
C GLU B 476 1.06 -25.93 -0.77
N GLY B 477 2.10 -26.09 -1.59
CA GLY B 477 3.45 -25.79 -1.15
C GLY B 477 4.44 -26.15 -2.24
N ILE B 478 5.58 -25.47 -2.18
CA ILE B 478 6.67 -25.68 -3.14
C ILE B 478 7.85 -26.25 -2.40
N GLN B 479 8.43 -27.33 -2.92
CA GLN B 479 9.55 -27.98 -2.27
C GLN B 479 10.69 -28.19 -3.24
N PRO B 480 11.92 -27.82 -2.88
CA PRO B 480 13.08 -28.11 -3.72
C PRO B 480 13.78 -29.40 -3.33
N TYR B 481 14.22 -30.12 -4.35
CA TYR B 481 15.06 -31.31 -4.22
C TYR B 481 16.39 -31.05 -4.90
N GLU B 482 17.43 -31.73 -4.44
CA GLU B 482 18.76 -31.60 -5.00
C GLU B 482 19.10 -32.88 -5.77
N ILE B 483 19.40 -32.73 -7.06
CA ILE B 483 19.82 -33.87 -7.87
C ILE B 483 21.21 -34.29 -7.42
N ARG B 484 21.40 -35.59 -7.20
CA ARG B 484 22.62 -36.08 -6.55
C ARG B 484 23.23 -37.27 -7.28
N ASP B 485 22.94 -37.44 -8.58
CA ASP B 485 23.56 -38.50 -9.35
C ASP B 485 23.34 -38.24 -10.83
N LEU B 486 24.24 -38.79 -11.65
CA LEU B 486 24.16 -38.67 -13.09
C LEU B 486 22.97 -39.43 -13.66
N PRO B 492 27.48 -36.74 -18.42
CA PRO B 492 27.43 -36.38 -19.84
C PRO B 492 26.96 -37.55 -20.72
N HIS B 493 26.97 -38.76 -20.16
CA HIS B 493 26.55 -39.92 -20.93
C HIS B 493 25.06 -39.87 -21.24
N ILE B 494 24.25 -39.42 -20.29
CA ILE B 494 22.80 -39.31 -20.47
C ILE B 494 22.36 -37.93 -20.00
N ILE B 495 21.58 -37.26 -20.83
CA ILE B 495 20.99 -35.96 -20.50
C ILE B 495 19.49 -36.15 -20.34
N MET B 496 18.83 -35.19 -19.71
CA MET B 496 17.42 -35.34 -19.40
C MET B 496 16.74 -33.99 -19.32
N TYR B 497 15.41 -34.02 -19.34
CA TYR B 497 14.57 -32.84 -19.18
C TYR B 497 13.40 -33.21 -18.27
N ILE B 498 12.52 -32.23 -18.04
CA ILE B 498 11.43 -32.40 -17.09
C ILE B 498 10.58 -33.62 -17.44
N SER B 499 10.51 -33.95 -18.74
CA SER B 499 9.83 -35.13 -19.25
C SER B 499 8.47 -35.33 -18.59
N ASP B 500 8.31 -36.45 -17.88
CA ASP B 500 7.09 -36.72 -17.12
C ASP B 500 7.47 -37.23 -15.74
N VAL B 501 8.12 -36.38 -14.95
CA VAL B 501 8.44 -36.70 -13.57
C VAL B 501 7.61 -35.89 -12.57
N CYS B 502 6.83 -34.92 -13.04
CA CYS B 502 6.01 -34.12 -12.13
C CYS B 502 4.87 -34.94 -11.56
N ALA B 503 4.09 -35.60 -12.42
CA ALA B 503 2.93 -36.35 -11.96
C ALA B 503 3.29 -37.51 -11.04
N PRO B 504 4.27 -38.37 -11.36
CA PRO B 504 4.63 -39.43 -10.39
C PRO B 504 5.10 -38.87 -9.07
N ALA B 505 5.84 -37.75 -9.08
CA ALA B 505 6.25 -37.11 -7.85
C ALA B 505 5.06 -36.45 -7.15
N LEU B 506 4.15 -35.86 -7.93
CA LEU B 506 2.98 -35.19 -7.34
C LEU B 506 2.10 -36.18 -6.62
N SER B 507 1.95 -37.39 -7.16
CA SER B 507 1.08 -38.38 -6.53
C SER B 507 1.55 -38.70 -5.11
N ALA B 508 2.85 -38.93 -4.93
CA ALA B 508 3.38 -39.22 -3.61
C ALA B 508 3.51 -37.96 -2.76
N PHE B 509 3.63 -36.79 -3.38
CA PHE B 509 3.80 -35.55 -2.65
C PHE B 509 2.49 -35.05 -2.06
N LYS B 510 1.36 -35.40 -2.69
CA LYS B 510 0.07 -34.99 -2.15
C LYS B 510 -0.33 -35.80 -0.93
N LYS B 511 0.21 -37.01 -0.77
CA LYS B 511 -0.15 -37.82 0.38
C LYS B 511 0.72 -37.49 1.59
N LEU B 512 2.03 -37.41 1.39
CA LEU B 512 2.97 -37.07 2.45
C LEU B 512 3.14 -35.56 2.62
N LEU B 513 2.16 -34.78 2.18
CA LEU B 513 2.26 -33.32 2.29
C LEU B 513 2.41 -32.86 3.73
N PRO B 514 1.65 -33.35 4.72
CA PRO B 514 1.88 -32.90 6.10
C PRO B 514 3.28 -33.20 6.60
N ALA B 515 3.88 -34.30 6.18
CA ALA B 515 5.26 -34.62 6.54
C ALA B 515 6.28 -33.83 5.72
N MET B 516 5.82 -32.96 4.83
CA MET B 516 6.68 -32.15 3.96
C MET B 516 7.59 -32.99 3.08
N ARG B 517 7.22 -34.25 2.86
CA ARG B 517 7.94 -35.18 1.99
C ARG B 517 9.41 -35.27 2.39
N PRO B 518 9.73 -35.96 3.48
CA PRO B 518 11.14 -36.11 3.87
C PRO B 518 11.91 -37.10 3.04
N ILE B 519 11.21 -37.97 2.30
CA ILE B 519 11.85 -38.94 1.42
C ILE B 519 11.53 -38.55 -0.02
N THR B 520 12.23 -39.20 -0.96
CA THR B 520 12.00 -38.97 -2.38
C THR B 520 12.13 -40.29 -3.13
N THR B 521 11.07 -40.69 -3.82
CA THR B 521 11.13 -41.87 -4.66
C THR B 521 11.95 -41.55 -5.92
N LEU B 522 13.06 -42.25 -6.08
CA LEU B 522 13.99 -41.98 -7.17
C LEU B 522 13.45 -42.58 -8.46
N THR B 523 14.23 -42.52 -9.53
CA THR B 523 13.88 -43.12 -10.80
C THR B 523 14.66 -44.42 -11.01
N ILE B 524 14.17 -45.23 -11.95
CA ILE B 524 14.86 -46.48 -12.27
C ILE B 524 16.25 -46.19 -12.82
N GLY B 525 16.41 -45.09 -13.55
CA GLY B 525 17.70 -44.70 -14.07
C GLY B 525 18.66 -44.28 -12.96
N ASN B 526 19.83 -43.82 -13.40
CA ASN B 526 20.88 -43.41 -12.47
C ASN B 526 20.53 -42.14 -11.71
N TRP B 527 19.44 -41.46 -12.06
CA TRP B 527 19.09 -40.20 -11.43
C TRP B 527 18.46 -40.40 -10.07
N GLN B 528 18.68 -39.43 -9.19
CA GLN B 528 18.09 -39.44 -7.85
C GLN B 528 18.18 -38.04 -7.27
N PHE B 529 17.25 -37.73 -6.36
CA PHE B 529 17.17 -36.40 -5.77
C PHE B 529 16.81 -36.51 -4.30
N ARG B 530 17.39 -35.62 -3.50
CA ARG B 530 17.20 -35.59 -2.05
C ARG B 530 16.52 -34.30 -1.63
N PRO B 531 15.51 -34.34 -0.77
CA PRO B 531 14.81 -33.10 -0.39
C PRO B 531 15.62 -32.21 0.54
N VAL B 532 16.05 -31.06 0.03
CA VAL B 532 16.82 -30.10 0.80
C VAL B 532 16.27 -28.70 0.55
N GLU B 533 16.37 -27.84 1.55
CA GLU B 533 15.93 -26.46 1.45
C GLU B 533 17.13 -25.56 1.22
N VAL B 534 17.18 -24.93 0.04
CA VAL B 534 18.27 -24.03 -0.32
C VAL B 534 17.70 -22.63 -0.52
N SER B 535 18.50 -21.62 -0.18
CA SER B 535 18.10 -20.23 -0.28
C SER B 535 19.21 -19.42 -0.93
N GLY B 536 18.84 -18.24 -1.42
CA GLY B 536 19.81 -17.36 -2.02
C GLY B 536 20.75 -16.77 -0.99
N GLY B 537 21.99 -16.54 -1.41
CA GLY B 537 23.00 -16.04 -0.48
C GLY B 537 22.84 -14.58 -0.12
N LEU B 538 22.17 -13.80 -0.97
CA LEU B 538 22.02 -12.38 -0.72
C LEU B 538 20.96 -12.08 0.33
N ARG B 539 19.95 -12.93 0.45
CA ARG B 539 18.84 -12.72 1.39
C ARG B 539 18.61 -14.02 2.14
N VAL B 540 19.12 -14.10 3.37
CA VAL B 540 18.89 -15.29 4.19
C VAL B 540 17.45 -15.30 4.73
N ASN B 541 16.96 -14.14 5.15
CA ASN B 541 15.58 -13.98 5.62
C ASN B 541 15.21 -14.99 6.71
C1 NAG C . -28.54 -22.49 4.00
C2 NAG C . -29.70 -23.48 3.87
C3 NAG C . -29.46 -24.69 4.78
C4 NAG C . -28.09 -25.32 4.54
C5 NAG C . -27.01 -24.23 4.53
C6 NAG C . -25.62 -24.72 4.17
C7 NAG C . -31.92 -22.57 3.30
C8 NAG C . -31.64 -22.97 1.87
N2 NAG C . -30.95 -22.85 4.18
O3 NAG C . -30.50 -25.60 4.57
O4 NAG C . -27.91 -26.16 5.65
O5 NAG C . -27.36 -23.17 3.64
O6 NAG C . -25.21 -25.70 5.09
O7 NAG C . -32.97 -22.03 3.60
C1 NAG C . -27.89 -27.57 5.33
C2 NAG C . -27.87 -28.26 6.69
C3 NAG C . -27.85 -29.77 6.52
C4 NAG C . -29.05 -30.20 5.69
C5 NAG C . -29.04 -29.44 4.35
C6 NAG C . -30.23 -29.76 3.48
C7 NAG C . -26.86 -26.97 8.51
C8 NAG C . -25.57 -26.61 9.20
N2 NAG C . -26.74 -27.81 7.47
O3 NAG C . -27.89 -30.33 7.81
O4 NAG C . -29.05 -31.61 5.57
O5 NAG C . -29.01 -28.04 4.60
O6 NAG C . -30.16 -29.03 2.27
O7 NAG C . -27.94 -26.51 8.89
C1 BMA C . -27.82 -32.13 4.99
C2 BMA C . -27.17 -33.07 5.99
C3 BMA C . -25.95 -33.82 5.41
C4 BMA C . -26.34 -34.56 4.10
C5 BMA C . -27.18 -33.68 3.16
C6 BMA C . -27.92 -34.46 2.08
O2 BMA C . -28.14 -33.95 6.48
O3 BMA C . -25.56 -34.56 6.54
O4 BMA C . -25.13 -34.88 3.45
O5 BMA C . -28.11 -32.80 3.79
O6 BMA C . -28.61 -33.55 1.24
C1 MAN C . -24.68 -35.71 6.38
C2 MAN C . -23.98 -35.76 7.77
C3 MAN C . -22.53 -36.21 7.70
C4 MAN C . -22.38 -37.29 6.64
C5 MAN C . -22.69 -36.66 5.28
C6 MAN C . -23.09 -37.74 4.28
O2 MAN C . -24.76 -36.63 8.57
O3 MAN C . -22.15 -36.66 8.99
O4 MAN C . -21.05 -37.78 6.72
O5 MAN C . -23.73 -35.65 5.33
O6 MAN C . -23.26 -37.16 3.01
C1 MAN C . -29.23 -34.14 0.03
C2 MAN C . -30.09 -35.39 0.41
C3 MAN C . -29.40 -36.76 0.32
C4 MAN C . -28.53 -36.91 -0.92
C5 MAN C . -27.58 -35.71 -1.07
C6 MAN C . -26.91 -35.73 -2.42
O2 MAN C . -31.19 -35.36 -0.47
O3 MAN C . -30.39 -37.74 0.42
O4 MAN C . -27.79 -38.09 -0.71
O5 MAN C . -28.23 -34.45 -0.95
O6 MAN C . -26.16 -34.55 -2.59
C1 NAG D . 31.84 36.38 10.44
C2 NAG D . 31.70 36.85 8.97
C3 NAG D . 32.96 37.51 8.41
C4 NAG D . 33.51 38.54 9.38
C5 NAG D . 33.77 37.83 10.72
C6 NAG D . 34.36 38.74 11.77
C7 NAG D . 31.64 34.62 7.64
C8 NAG D . 32.98 34.11 8.11
N2 NAG D . 31.17 35.84 8.08
O3 NAG D . 32.63 38.09 7.17
O4 NAG D . 34.71 39.05 8.82
O5 NAG D . 32.53 37.34 11.21
O6 NAG D . 35.69 39.07 11.44
O7 NAG D . 30.99 33.95 6.86
C1 NAG E . 32.79 15.20 8.51
C2 NAG E . 33.64 16.44 8.82
C3 NAG E . 33.72 16.71 10.32
C4 NAG E . 32.34 16.80 10.96
C5 NAG E . 31.57 15.52 10.61
C6 NAG E . 30.11 15.58 10.96
C7 NAG E . 35.48 17.19 7.35
C8 NAG E . 36.91 16.92 6.97
N2 NAG E . 34.98 16.37 8.30
O3 NAG E . 34.44 17.90 10.52
O4 NAG E . 32.49 16.86 12.36
O5 NAG E . 31.57 15.27 9.22
O6 NAG E . 29.47 16.58 10.20
O7 NAG E . 34.82 18.06 6.81
C1 NAG F . 32.28 18.19 12.87
C2 NAG F . 32.06 18.10 14.38
C3 NAG F . 31.88 19.50 14.98
C4 NAG F . 33.05 20.42 14.62
C5 NAG F . 33.30 20.34 13.11
C6 NAG F . 34.55 21.09 12.66
C7 NAG F . 31.04 16.07 15.29
C8 NAG F . 29.74 15.37 15.56
N2 NAG F . 30.94 17.27 14.71
O3 NAG F . 31.73 19.34 16.36
O4 NAG F . 32.67 21.74 14.98
O5 NAG F . 33.40 19.00 12.65
O6 NAG F . 34.53 22.40 13.16
O7 NAG F . 32.11 15.56 15.59
C1 BMA G . 33.19 22.14 16.27
C2 BMA G . 33.09 23.66 16.31
C3 BMA G . 33.19 24.25 17.73
C4 BMA G . 32.31 23.54 18.77
C5 BMA G . 32.36 22.02 18.63
C6 BMA G . 31.23 21.31 19.38
O2 BMA G . 31.87 24.02 15.69
O3 BMA G . 32.89 25.62 17.60
O4 BMA G . 32.83 23.93 20.03
O5 BMA G . 32.44 21.51 17.31
O6 BMA G . 29.96 21.59 18.82
C1 MAN H . 28.86 20.74 19.33
C2 MAN H . 28.59 21.07 20.82
C3 MAN H . 29.30 20.20 21.85
C4 MAN H . 29.20 18.72 21.52
C5 MAN H . 29.71 18.46 20.10
C6 MAN H . 29.40 17.05 19.66
O2 MAN H . 27.19 20.99 20.97
O3 MAN H . 28.73 20.49 23.11
O4 MAN H . 30.04 18.07 22.45
O5 MAN H . 29.16 19.34 19.11
O6 MAN H . 30.26 16.17 20.35
#